data_7CMV
#
_entry.id   7CMV
#
_cell.length_a   1.00
_cell.length_b   1.00
_cell.length_c   1.00
_cell.angle_alpha   90.00
_cell.angle_beta   90.00
_cell.angle_gamma   90.00
#
_symmetry.space_group_name_H-M   'P 1'
#
loop_
_entity.id
_entity.type
_entity.pdbx_description
1 polymer 'Guanine nucleotide-binding protein G(i) subunit alpha-1'
2 polymer 'Guanine nucleotide-binding protein G(I)/G(S)/G(T) subunit beta-1'
3 polymer 'Guanine nucleotide-binding protein G(I)/G(S)/G(O) subunit gamma-2'
4 polymer scFv16
5 polymer 'Soluble cytochrome b562,D(3) dopamine receptor'
6 non-polymer (4aR,10bR)-4-propyl-3,4a,5,10b-tetrahydro-2H-chromeno[4,3-b][1,4]oxazin-9-ol
#
loop_
_entity_poly.entity_id
_entity_poly.type
_entity_poly.pdbx_seq_one_letter_code
_entity_poly.pdbx_strand_id
1 'polypeptide(L)'
;MGCTLSAEDKAAVERSKMIDRNLREDGEKAAREVKLLLLGAGESGKNTIVKQMKIIHEAGYSEEECKQYKAVVYSNTIQS
IIAIIRAMGRLKIDFGDSARADDARQLFVLAGAAEEGFMTAELAGVIKRLWKDSGVQACFNRSREYQLNDSAAYYLNDLD
RIAQPNYIPTQQDVLRTRVKTTGIVETHFTFKDLHFKMFDVGAQRSERKKWIHCFEGVTAIIFCVALSDYDLVLAEDEEM
NRMHASMKLFDSICNNKWFTDTSIILFLNKKDLFEEKIKKSPLTICYPEYAGSNTYEEAAAYIQCQFEDLNKRKDTKEIY
THFTCSTDTKNVQFVFDAVTDVIIKNNLKDCGLF
;
A
2 'polypeptide(L)'
;MGSLLQSELDQLRQEAEQLKNQIRDARKACADATLSQITNNIDPVGRIQMRTRRTLRGHLAKIYAMHWGTDSRLLVSASQ
DGKLIIWDSYTTNKVHAIPLRSSWVMTCAYAPSGNYVACGGLDNICSIYNLKTREGNVRVSRELAGHTGYLSCCRFLDDN
QIVTSSGDTTCALWDIETGQQTTTFTGHTGDVMSLSLAPDTRLFVSGACDASAKLWDVREGMCRQTFTGHESDINAICFF
PNGNAFATGSDDATCRLFDLRADQELMTYSHDNIICGITSVSFSKSGRLLLAGYDDFNCNVWDALKADRAGVLAGHDNRV
SCLGVTDDGMAVATGSWDSFLKIWN
;
B
3 'polypeptide(L)' MASNNTASIAQARKLVEQLKMEANIDRIKVSKAAADLMAYCEAHAKEDPLLTPVPASENPFREKKFFCAIL C
4 'polypeptide(L)'
;DVQLVESGGGLVQPGGSRKLSCSASGFAFSSFGMHWVRQAPEKGLEWVAYISSGSGTIYYADTVKGRFTISRDDPKNTLF
LQMTSLRSEDTAMYYCVRSIYYYGSSPFDFWGQGTTLTVSSGGGGSGGGGSGGGGSDIVMTQATSSVPVTPGESVSISCR
SSKSLLHSNGNTYLYWFLQRPGQSPQLLIYRMSNLASGVPDRFSGSGSGTAFTLTISRLEAEDVGVYYCMQHLEYPLTFG
AGTKLELK
;
E
5 'polypeptide(L)'
;DYKDDDDAKLQTMHHHHHHHHHHHHHHHADLEDNWETLNDNLKVIEKADNAAQVKDALTKMRAAALDAQKATPPKLEDKS
PDSPEMKDFRHGFDILVGQIDDALKLANEGKVKEAQAAAEQLKTTRNAYIQKYLASENLYFQGGTMASLSQLSSHLNYTC
GAENSTGASQARPHAYYALSYCALILAIVFGNGLVCMAVLKERALQTTTNYLVVSLAVADLLVATLVMPWVVYLEVTGGV
WNFSRICCDVFVTLDVMMCTASILNLCAISIDRYTAVVMPVHYQHGTGQSSCRRVALMITAVWVLAFAVSCPLLFGFNTT
GDPTVCSISNPDFVIYSSVVSFYLPFGVTVLVYARIYVVLKQRRRKRILTRQNSQCNSVRPGFPQQTLSPDPAHLELKRY
YSICQDTALGGPGFQERGGELKREEKTRNSLSPTIAPKLSLEVRKLSNGRLSTSLKLGPLQPRGVPLREKKATQMVAIVL
GAFIVCWLPFFLTHVLNTHCQTCHVSPELYSATTWLGYVNSALNPVIYTTFNIEFRKAFLKILSC
;
R
#
loop_
_chem_comp.id
_chem_comp.type
_chem_comp.name
_chem_comp.formula
G6O non-polymer (4aR,10bR)-4-propyl-3,4a,5,10b-tetrahydro-2H-chromeno[4,3-b][1,4]oxazin-9-ol 'C14 H19 N O3'
#
# COMPACT_ATOMS: atom_id res chain seq x y z
N THR A 4 -26.53 6.98 11.10
CA THR A 4 -26.97 7.53 9.77
C THR A 4 -26.84 6.47 8.68
N LEU A 5 -25.84 5.60 8.82
CA LEU A 5 -25.63 4.56 7.84
C LEU A 5 -26.76 3.54 7.88
N SER A 6 -27.12 3.01 6.71
CA SER A 6 -28.15 1.99 6.62
C SER A 6 -27.57 0.62 7.00
N ALA A 7 -28.47 -0.37 7.09
CA ALA A 7 -28.03 -1.72 7.44
C ALA A 7 -27.04 -2.26 6.42
N GLU A 8 -27.33 -2.08 5.13
CA GLU A 8 -26.41 -2.53 4.10
C GLU A 8 -25.10 -1.76 4.16
N ASP A 9 -25.16 -0.46 4.46
CA ASP A 9 -23.94 0.32 4.62
C ASP A 9 -23.10 -0.21 5.78
N LYS A 10 -23.75 -0.55 6.90
CA LYS A 10 -23.02 -1.10 8.04
C LYS A 10 -22.40 -2.46 7.69
N ALA A 11 -23.14 -3.28 6.94
CA ALA A 11 -22.58 -4.57 6.52
C ALA A 11 -21.38 -4.37 5.61
N ALA A 12 -21.45 -3.40 4.70
CA ALA A 12 -20.31 -3.11 3.83
C ALA A 12 -19.12 -2.61 4.65
N VAL A 13 -19.38 -1.80 5.67
CA VAL A 13 -18.30 -1.32 6.53
C VAL A 13 -17.65 -2.49 7.26
N GLU A 14 -18.47 -3.42 7.76
CA GLU A 14 -17.92 -4.60 8.44
C GLU A 14 -17.09 -5.44 7.49
N ARG A 15 -17.57 -5.61 6.25
CA ARG A 15 -16.79 -6.36 5.26
C ARG A 15 -15.46 -5.67 4.97
N SER A 16 -15.49 -4.34 4.87
CA SER A 16 -14.25 -3.59 4.65
C SER A 16 -13.29 -3.77 5.82
N LYS A 17 -13.81 -3.77 7.05
CA LYS A 17 -12.97 -3.99 8.21
C LYS A 17 -12.36 -5.39 8.19
N MET A 18 -13.15 -6.39 7.78
CA MET A 18 -12.61 -7.74 7.67
C MET A 18 -11.51 -7.80 6.61
N ILE A 19 -11.70 -7.11 5.48
CA ILE A 19 -10.67 -7.06 4.45
C ILE A 19 -9.41 -6.39 4.99
N ASP A 20 -9.58 -5.32 5.78
CA ASP A 20 -8.44 -4.66 6.38
C ASP A 20 -7.69 -5.61 7.31
N ARG A 21 -8.44 -6.39 8.11
CA ARG A 21 -7.80 -7.35 9.00
C ARG A 21 -7.02 -8.39 8.21
N ASN A 22 -7.61 -8.89 7.12
CA ASN A 22 -6.91 -9.87 6.29
C ASN A 22 -5.64 -9.29 5.69
N LEU A 23 -5.72 -8.04 5.20
CA LEU A 23 -4.55 -7.38 4.64
C LEU A 23 -3.47 -7.19 5.69
N ARG A 24 -3.86 -6.81 6.91
CA ARG A 24 -2.89 -6.65 7.99
C ARG A 24 -2.21 -7.98 8.30
N GLU A 25 -2.98 -9.06 8.35
CA GLU A 25 -2.40 -10.37 8.59
C GLU A 25 -1.42 -10.76 7.49
N ASP A 26 -1.79 -10.51 6.23
CA ASP A 26 -0.90 -10.83 5.13
C ASP A 26 0.38 -10.02 5.20
N GLY A 27 0.26 -8.73 5.53
CA GLY A 27 1.45 -7.90 5.67
C GLY A 27 2.35 -8.37 6.80
N GLU A 28 1.75 -8.76 7.92
CA GLU A 28 2.54 -9.28 9.04
C GLU A 28 3.28 -10.56 8.63
N LYS A 29 2.60 -11.45 7.90
CA LYS A 29 3.26 -12.66 7.43
C LYS A 29 4.40 -12.32 6.48
N ALA A 30 4.19 -11.36 5.58
CA ALA A 30 5.22 -11.04 4.59
C ALA A 30 6.41 -10.33 5.20
N ALA A 31 6.19 -9.51 6.24
CA ALA A 31 7.27 -8.71 6.79
C ALA A 31 8.36 -9.57 7.44
N ARG A 32 8.07 -10.82 7.77
CA ARG A 32 9.02 -11.70 8.43
C ARG A 32 9.78 -12.57 7.44
N GLU A 33 9.58 -12.37 6.14
CA GLU A 33 10.26 -13.17 5.12
C GLU A 33 11.40 -12.37 4.52
N VAL A 34 12.54 -13.02 4.35
CA VAL A 34 13.73 -12.39 3.77
C VAL A 34 13.64 -12.45 2.25
N LYS A 35 13.78 -11.30 1.61
CA LYS A 35 13.76 -11.18 0.16
C LYS A 35 15.15 -10.78 -0.32
N LEU A 36 15.71 -11.60 -1.21
CA LEU A 36 17.05 -11.35 -1.74
C LEU A 36 17.04 -11.59 -3.24
N LEU A 37 17.76 -10.75 -3.97
CA LEU A 37 17.81 -10.79 -5.42
C LEU A 37 19.05 -11.54 -5.90
N LEU A 38 18.92 -12.24 -7.02
CA LEU A 38 20.00 -12.99 -7.63
C LEU A 38 20.34 -12.40 -8.98
N LEU A 39 21.63 -12.21 -9.24
CA LEU A 39 22.10 -11.61 -10.48
C LEU A 39 23.32 -12.37 -10.98
N GLY A 40 23.56 -12.28 -12.28
CA GLY A 40 24.69 -12.96 -12.90
C GLY A 40 24.38 -13.44 -14.29
N ALA A 41 25.05 -14.53 -14.71
CA ALA A 41 24.84 -15.13 -16.02
C ALA A 41 24.49 -16.60 -15.84
N GLY A 42 23.86 -17.18 -16.87
CA GLY A 42 23.44 -18.57 -16.78
C GLY A 42 24.60 -19.50 -16.48
N GLU A 43 25.73 -19.31 -17.15
CA GLU A 43 26.92 -20.11 -16.90
C GLU A 43 27.68 -19.66 -15.66
N SER A 44 27.30 -18.53 -15.06
CA SER A 44 28.00 -18.03 -13.88
C SER A 44 27.70 -18.86 -12.63
N GLY A 45 26.70 -19.74 -12.68
CA GLY A 45 26.37 -20.59 -11.55
C GLY A 45 25.06 -20.28 -10.86
N LYS A 46 24.22 -19.39 -11.42
CA LYS A 46 22.94 -19.12 -10.79
C LYS A 46 22.08 -20.37 -10.73
N ASN A 47 22.04 -21.13 -11.83
CA ASN A 47 21.25 -22.36 -11.84
C ASN A 47 21.75 -23.34 -10.79
N THR A 48 23.07 -23.50 -10.69
CA THR A 48 23.62 -24.42 -9.70
C THR A 48 23.27 -23.98 -8.28
N ILE A 49 23.41 -22.68 -8.01
CA ILE A 49 23.11 -22.17 -6.66
C ILE A 49 21.64 -22.38 -6.33
N VAL A 50 20.75 -22.06 -7.27
CA VAL A 50 19.32 -22.19 -7.04
C VAL A 50 18.97 -23.65 -6.80
N LYS A 51 19.50 -24.56 -7.62
CA LYS A 51 19.21 -25.97 -7.46
C LYS A 51 19.72 -26.48 -6.12
N GLN A 52 20.93 -26.07 -5.73
CA GLN A 52 21.47 -26.48 -4.44
C GLN A 52 20.56 -26.03 -3.30
N MET A 53 20.20 -24.74 -3.28
CA MET A 53 19.36 -24.24 -2.21
C MET A 53 18.00 -24.94 -2.18
N LYS A 54 17.39 -25.14 -3.36
CA LYS A 54 16.08 -25.78 -3.39
C LYS A 54 16.17 -27.24 -2.93
N ILE A 55 17.22 -27.95 -3.34
CA ILE A 55 17.34 -29.36 -3.01
C ILE A 55 17.60 -29.55 -1.52
N ILE A 56 18.47 -28.73 -0.94
CA ILE A 56 18.78 -28.89 0.48
C ILE A 56 17.53 -28.70 1.31
N HIS A 57 16.73 -27.67 1.01
CA HIS A 57 15.49 -27.43 1.73
C HIS A 57 14.43 -28.44 1.31
N THR A 181 6.89 -19.91 -19.81
CA THR A 181 8.01 -20.09 -18.90
C THR A 181 8.83 -18.81 -18.78
N THR A 182 8.68 -17.92 -19.76
CA THR A 182 9.41 -16.66 -19.73
C THR A 182 8.98 -15.81 -18.55
N GLY A 183 9.93 -15.08 -17.98
CA GLY A 183 9.67 -14.24 -16.83
C GLY A 183 10.78 -14.29 -15.80
N ILE A 184 10.43 -14.20 -14.53
CA ILE A 184 11.37 -14.25 -13.43
C ILE A 184 11.00 -15.42 -12.53
N VAL A 185 12.00 -16.18 -12.10
CA VAL A 185 11.79 -17.38 -11.29
C VAL A 185 11.86 -17.01 -9.82
N GLU A 186 10.87 -17.45 -9.06
CA GLU A 186 10.80 -17.21 -7.62
C GLU A 186 11.03 -18.53 -6.90
N THR A 187 11.95 -18.53 -5.94
CA THR A 187 12.32 -19.72 -5.19
C THR A 187 12.08 -19.49 -3.70
N HIS A 188 11.50 -20.48 -3.04
CA HIS A 188 11.21 -20.42 -1.61
C HIS A 188 11.99 -21.51 -0.90
N PHE A 189 12.69 -21.13 0.18
CA PHE A 189 13.41 -22.08 1.00
C PHE A 189 13.54 -21.52 2.40
N THR A 190 13.60 -22.42 3.39
CA THR A 190 13.67 -22.06 4.80
C THR A 190 14.88 -22.70 5.44
N PHE A 191 15.56 -21.95 6.29
CA PHE A 191 16.75 -22.45 6.98
C PHE A 191 16.80 -21.84 8.38
N LYS A 192 16.94 -22.69 9.39
CA LYS A 192 17.00 -22.24 10.78
C LYS A 192 15.80 -21.37 11.13
N ASP A 193 14.62 -21.82 10.71
CA ASP A 193 13.36 -21.14 11.01
C ASP A 193 13.29 -19.75 10.38
N LEU A 194 14.09 -19.48 9.35
CA LEU A 194 14.09 -18.21 8.65
C LEU A 194 13.68 -18.45 7.21
N HIS A 195 12.72 -17.66 6.72
CA HIS A 195 12.16 -17.82 5.39
C HIS A 195 12.88 -16.90 4.41
N PHE A 196 13.25 -17.45 3.25
CA PHE A 196 13.96 -16.72 2.22
C PHE A 196 13.18 -16.77 0.92
N LYS A 197 13.10 -15.62 0.23
CA LYS A 197 12.47 -15.52 -1.09
C LYS A 197 13.51 -15.01 -2.07
N MET A 198 13.96 -15.88 -2.96
CA MET A 198 15.00 -15.56 -3.93
C MET A 198 14.36 -15.30 -5.30
N PHE A 199 14.78 -14.23 -5.96
CA PHE A 199 14.25 -13.83 -7.24
C PHE A 199 15.35 -13.88 -8.29
N ASP A 200 15.07 -14.51 -9.42
CA ASP A 200 16.00 -14.61 -10.54
C ASP A 200 15.45 -13.81 -11.71
N VAL A 201 16.25 -12.87 -12.21
CA VAL A 201 15.83 -11.99 -13.31
C VAL A 201 16.73 -12.17 -14.53
N GLY A 202 17.48 -13.26 -14.60
CA GLY A 202 18.37 -13.46 -15.73
C GLY A 202 17.63 -13.57 -17.04
N ALA A 203 16.52 -14.33 -17.05
CA ALA A 203 15.77 -14.52 -18.28
C ALA A 203 15.10 -13.24 -18.76
N GLN A 204 14.93 -12.25 -17.89
CA GLN A 204 14.28 -11.00 -18.26
C GLN A 204 15.32 -10.03 -18.85
N ARG A 205 15.66 -10.30 -20.10
CA ARG A 205 16.59 -9.44 -20.84
C ARG A 205 15.83 -8.25 -21.40
N SER A 206 16.13 -7.06 -20.90
CA SER A 206 15.45 -5.83 -21.30
C SER A 206 16.21 -4.67 -20.66
N GLU A 207 15.67 -3.46 -20.80
CA GLU A 207 16.24 -2.28 -20.18
C GLU A 207 15.99 -2.36 -18.68
N ARG A 208 16.99 -2.83 -17.94
CA ARG A 208 16.80 -3.14 -16.52
C ARG A 208 16.48 -1.92 -15.68
N LYS A 209 16.91 -0.73 -16.09
CA LYS A 209 16.68 0.46 -15.27
C LYS A 209 15.19 0.78 -15.13
N LYS A 210 14.34 0.21 -15.99
CA LYS A 210 12.91 0.45 -15.91
C LYS A 210 12.20 -0.42 -14.88
N TRP A 211 12.85 -1.47 -14.39
CA TRP A 211 12.25 -2.32 -13.36
C TRP A 211 13.20 -2.69 -12.24
N ILE A 212 14.45 -2.23 -12.28
CA ILE A 212 15.38 -2.51 -11.18
C ILE A 212 14.91 -1.83 -9.90
N HIS A 213 14.23 -0.69 -10.03
CA HIS A 213 13.74 0.02 -8.85
C HIS A 213 12.72 -0.80 -8.07
N CYS A 214 12.09 -1.81 -8.70
CA CYS A 214 11.14 -2.65 -8.00
C CYS A 214 11.78 -3.43 -6.87
N PHE A 215 13.11 -3.62 -6.91
CA PHE A 215 13.84 -4.36 -5.89
C PHE A 215 14.53 -3.43 -4.90
N GLU A 216 14.09 -2.17 -4.79
CA GLU A 216 14.73 -1.23 -3.88
C GLU A 216 14.68 -1.72 -2.44
N GLY A 217 13.64 -2.45 -2.08
CA GLY A 217 13.50 -3.00 -0.74
C GLY A 217 14.15 -4.34 -0.53
N VAL A 218 14.91 -4.84 -1.51
CA VAL A 218 15.54 -6.14 -1.37
C VAL A 218 16.54 -6.11 -0.22
N THR A 219 16.49 -7.15 0.63
CA THR A 219 17.40 -7.20 1.78
C THR A 219 18.85 -7.32 1.33
N ALA A 220 19.13 -8.15 0.33
CA ALA A 220 20.49 -8.34 -0.15
C ALA A 220 20.46 -8.80 -1.60
N ILE A 221 21.60 -8.68 -2.27
CA ILE A 221 21.75 -9.04 -3.67
C ILE A 221 22.80 -10.14 -3.76
N ILE A 222 22.46 -11.23 -4.45
CA ILE A 222 23.38 -12.33 -4.68
C ILE A 222 23.96 -12.18 -6.08
N PHE A 223 25.28 -12.14 -6.17
CA PHE A 223 25.99 -12.03 -7.43
C PHE A 223 26.82 -13.29 -7.66
N CYS A 224 26.62 -13.93 -8.81
CA CYS A 224 27.31 -15.15 -9.17
C CYS A 224 28.20 -14.88 -10.37
N VAL A 225 29.49 -15.22 -10.24
CA VAL A 225 30.46 -15.06 -11.31
C VAL A 225 31.31 -16.32 -11.39
N ALA A 226 31.51 -16.82 -12.60
CA ALA A 226 32.31 -18.02 -12.81
C ALA A 226 33.79 -17.65 -12.76
N LEU A 227 34.52 -18.24 -11.82
CA LEU A 227 35.92 -17.93 -11.65
C LEU A 227 36.78 -18.45 -12.80
N SER A 228 36.27 -19.43 -13.56
CA SER A 228 37.05 -20.07 -14.62
C SER A 228 36.90 -19.38 -15.97
N ASP A 229 36.05 -18.37 -16.09
CA ASP A 229 35.83 -17.67 -17.36
C ASP A 229 36.80 -16.51 -17.56
N TYR A 230 37.92 -16.49 -16.84
CA TYR A 230 38.89 -15.41 -17.02
C TYR A 230 39.55 -15.48 -18.39
N ASP A 231 39.68 -16.68 -18.97
CA ASP A 231 40.35 -16.86 -20.24
C ASP A 231 39.37 -17.14 -21.38
N LEU A 232 38.09 -16.83 -21.19
CA LEU A 232 37.07 -17.05 -22.21
C LEU A 232 36.73 -15.74 -22.92
N VAL A 233 36.03 -15.89 -24.04
CA VAL A 233 35.59 -14.77 -24.86
C VAL A 233 34.09 -14.87 -25.09
N LEU A 234 33.45 -13.73 -25.30
CA LEU A 234 32.01 -13.66 -25.52
C LEU A 234 31.73 -12.98 -26.84
N ALA A 235 30.63 -13.39 -27.48
CA ALA A 235 30.23 -12.83 -28.77
C ALA A 235 29.96 -11.33 -28.64
N GLU A 239 31.55 -6.62 -22.86
CA GLU A 239 32.95 -6.74 -23.23
C GLU A 239 33.22 -8.10 -23.85
N MET A 240 34.29 -8.18 -24.65
CA MET A 240 34.62 -9.44 -25.32
C MET A 240 34.91 -10.54 -24.31
N ASN A 241 35.66 -10.21 -23.25
CA ASN A 241 35.99 -11.20 -22.22
C ASN A 241 34.83 -11.35 -21.26
N ARG A 242 34.50 -12.60 -20.93
CA ARG A 242 33.38 -12.85 -20.02
C ARG A 242 33.64 -12.26 -18.64
N MET A 243 34.86 -12.42 -18.13
CA MET A 243 35.17 -11.89 -16.80
C MET A 243 35.04 -10.37 -16.76
N HIS A 244 35.52 -9.69 -17.80
CA HIS A 244 35.40 -8.24 -17.84
C HIS A 244 33.94 -7.81 -17.86
N ALA A 245 33.10 -8.53 -18.61
CA ALA A 245 31.67 -8.24 -18.60
C ALA A 245 31.08 -8.46 -17.22
N SER A 246 31.51 -9.52 -16.53
CA SER A 246 31.01 -9.77 -15.19
C SER A 246 31.38 -8.63 -14.23
N MET A 247 32.63 -8.16 -14.29
CA MET A 247 33.01 -7.03 -13.45
C MET A 247 32.25 -5.77 -13.83
N LYS A 248 32.01 -5.55 -15.13
CA LYS A 248 31.22 -4.39 -15.53
C LYS A 248 29.82 -4.45 -14.96
N LEU A 249 29.18 -5.62 -15.04
CA LEU A 249 27.84 -5.78 -14.48
C LEU A 249 27.86 -5.57 -12.96
N PHE A 250 28.87 -6.11 -12.29
CA PHE A 250 28.96 -5.93 -10.84
C PHE A 250 29.12 -4.46 -10.49
N ASP A 251 29.96 -3.73 -11.23
CA ASP A 251 30.13 -2.31 -10.98
C ASP A 251 28.82 -1.55 -11.22
N SER A 252 28.11 -1.89 -12.29
CA SER A 252 26.85 -1.21 -12.57
C SER A 252 25.82 -1.46 -11.48
N ILE A 253 25.73 -2.71 -11.01
CA ILE A 253 24.72 -3.03 -9.99
C ILE A 253 25.09 -2.41 -8.65
N CYS A 254 26.36 -2.51 -8.26
CA CYS A 254 26.77 -2.03 -6.94
C CYS A 254 26.58 -0.53 -6.81
N ASN A 255 26.90 0.23 -7.86
CA ASN A 255 26.80 1.69 -7.83
C ASN A 255 25.44 2.19 -8.25
N ASN A 256 24.47 1.30 -8.49
CA ASN A 256 23.13 1.73 -8.85
C ASN A 256 22.53 2.60 -7.75
N LYS A 257 21.81 3.64 -8.15
CA LYS A 257 21.24 4.57 -7.18
C LYS A 257 20.21 3.88 -6.29
N TRP A 258 19.62 2.77 -6.76
CA TRP A 258 18.58 2.09 -6.01
C TRP A 258 19.13 1.09 -4.99
N PHE A 259 20.44 0.82 -5.00
CA PHE A 259 21.06 -0.15 -4.13
C PHE A 259 22.24 0.46 -3.36
N THR A 260 22.09 1.72 -2.97
CA THR A 260 23.16 2.38 -2.21
C THR A 260 23.37 1.72 -0.86
N ASP A 261 22.28 1.37 -0.17
CA ASP A 261 22.33 0.81 1.16
C ASP A 261 22.09 -0.70 1.18
N THR A 262 22.13 -1.36 0.02
CA THR A 262 21.87 -2.79 -0.07
C THR A 262 23.19 -3.54 -0.16
N SER A 263 23.39 -4.48 0.74
CA SER A 263 24.61 -5.29 0.73
C SER A 263 24.57 -6.30 -0.41
N ILE A 264 25.76 -6.75 -0.82
CA ILE A 264 25.92 -7.69 -1.92
C ILE A 264 26.72 -8.88 -1.44
N ILE A 265 26.28 -10.08 -1.78
CA ILE A 265 26.99 -11.31 -1.46
C ILE A 265 27.55 -11.87 -2.76
N LEU A 266 28.87 -12.05 -2.80
CA LEU A 266 29.57 -12.50 -4.01
C LEU A 266 29.94 -13.97 -3.85
N PHE A 267 29.63 -14.76 -4.87
CA PHE A 267 29.90 -16.20 -4.87
C PHE A 267 30.85 -16.54 -6.00
N LEU A 268 31.89 -17.30 -5.69
CA LEU A 268 32.84 -17.80 -6.68
C LEU A 268 32.55 -19.28 -6.88
N ASN A 269 32.00 -19.63 -8.05
CA ASN A 269 31.34 -20.93 -8.22
C ASN A 269 32.26 -22.00 -8.78
N LYS A 270 33.30 -21.64 -9.53
CA LYS A 270 34.07 -22.63 -10.27
C LYS A 270 35.53 -22.66 -9.87
N LYS A 271 35.80 -22.67 -8.56
CA LYS A 271 37.18 -22.74 -8.11
C LYS A 271 37.81 -24.10 -8.41
N ASP A 272 37.02 -25.17 -8.38
CA ASP A 272 37.57 -26.50 -8.64
C ASP A 272 38.18 -26.59 -10.03
N LEU A 273 37.48 -26.06 -11.04
CA LEU A 273 38.03 -26.01 -12.39
C LEU A 273 39.06 -24.89 -12.54
N PHE A 274 38.97 -23.85 -11.70
CA PHE A 274 40.01 -22.83 -11.67
C PHE A 274 41.35 -23.43 -11.26
N GLU A 275 41.34 -24.44 -10.39
CA GLU A 275 42.59 -25.10 -10.02
C GLU A 275 43.27 -25.69 -11.24
N GLU A 276 42.51 -26.36 -12.11
CA GLU A 276 43.09 -26.93 -13.33
C GLU A 276 43.49 -25.83 -14.31
N LYS A 277 42.65 -24.82 -14.48
CA LYS A 277 42.93 -23.80 -15.50
C LYS A 277 44.14 -22.95 -15.14
N ILE A 278 44.24 -22.52 -13.89
CA ILE A 278 45.31 -21.62 -13.49
C ILE A 278 46.67 -22.31 -13.63
N LYS A 279 46.74 -23.60 -13.33
CA LYS A 279 47.99 -24.33 -13.44
C LYS A 279 48.48 -24.45 -14.88
N LYS A 280 47.63 -24.17 -15.86
CA LYS A 280 48.01 -24.25 -17.27
C LYS A 280 47.89 -22.91 -18.00
N SER A 281 46.82 -22.16 -17.75
CA SER A 281 46.59 -20.88 -18.41
C SER A 281 46.88 -19.75 -17.44
N PRO A 282 47.87 -18.90 -17.69
CA PRO A 282 48.17 -17.82 -16.74
C PRO A 282 47.05 -16.80 -16.67
N LEU A 283 46.92 -16.19 -15.49
CA LEU A 283 45.89 -15.17 -15.28
C LEU A 283 46.20 -13.86 -15.99
N THR A 284 47.41 -13.68 -16.49
CA THR A 284 47.77 -12.43 -17.16
C THR A 284 46.91 -12.17 -18.39
N ILE A 285 46.30 -13.21 -18.96
CA ILE A 285 45.44 -13.01 -20.13
C ILE A 285 44.26 -12.12 -19.78
N CYS A 286 43.71 -12.27 -18.57
CA CYS A 286 42.57 -11.49 -18.14
C CYS A 286 42.98 -10.16 -17.53
N TYR A 287 44.00 -10.15 -16.69
CA TYR A 287 44.49 -8.92 -16.04
C TYR A 287 45.93 -8.67 -16.45
N PRO A 288 46.18 -7.87 -17.49
CA PRO A 288 47.58 -7.58 -17.86
C PRO A 288 48.38 -6.95 -16.74
N GLU A 289 47.76 -6.11 -15.91
CA GLU A 289 48.48 -5.47 -14.82
C GLU A 289 48.93 -6.46 -13.75
N TYR A 290 48.36 -7.66 -13.74
CA TYR A 290 48.74 -8.66 -12.75
C TYR A 290 50.22 -9.00 -12.91
N ALA A 291 50.94 -9.03 -11.78
CA ALA A 291 52.37 -9.35 -11.79
C ALA A 291 52.76 -10.26 -10.63
N GLY A 292 51.79 -10.88 -9.97
CA GLY A 292 52.07 -11.75 -8.85
C GLY A 292 52.36 -13.18 -9.27
N SER A 293 52.40 -14.06 -8.29
CA SER A 293 52.69 -15.47 -8.55
C SER A 293 51.50 -16.14 -9.25
N ASN A 294 51.79 -17.25 -9.90
CA ASN A 294 50.78 -18.02 -10.63
C ASN A 294 50.03 -19.00 -9.74
N THR A 295 50.33 -19.04 -8.44
CA THR A 295 49.66 -19.97 -7.55
C THR A 295 48.16 -19.68 -7.48
N TYR A 296 47.38 -20.73 -7.21
CA TYR A 296 45.94 -20.57 -7.16
C TYR A 296 45.50 -19.59 -6.08
N GLU A 297 46.12 -19.67 -4.91
CA GLU A 297 45.73 -18.79 -3.81
C GLU A 297 45.93 -17.32 -4.18
N GLU A 298 47.07 -17.00 -4.78
CA GLU A 298 47.35 -15.62 -5.16
C GLU A 298 46.35 -15.13 -6.21
N ALA A 299 46.04 -15.97 -7.20
CA ALA A 299 45.08 -15.57 -8.23
C ALA A 299 43.70 -15.35 -7.63
N ALA A 300 43.27 -16.24 -6.74
CA ALA A 300 41.96 -16.09 -6.12
C ALA A 300 41.91 -14.80 -5.28
N ALA A 301 42.96 -14.53 -4.52
CA ALA A 301 43.00 -13.31 -3.72
C ALA A 301 42.96 -12.08 -4.61
N TYR A 302 43.71 -12.10 -5.71
CA TYR A 302 43.70 -10.96 -6.63
C TYR A 302 42.32 -10.75 -7.23
N ILE A 303 41.65 -11.84 -7.63
CA ILE A 303 40.31 -11.72 -8.21
C ILE A 303 39.35 -11.14 -7.17
N GLN A 304 39.42 -11.64 -5.93
CA GLN A 304 38.55 -11.13 -4.89
C GLN A 304 38.79 -9.65 -4.64
N CYS A 305 40.06 -9.24 -4.56
CA CYS A 305 40.37 -7.83 -4.33
C CYS A 305 39.88 -6.97 -5.48
N GLN A 306 40.07 -7.43 -6.71
CA GLN A 306 39.61 -6.65 -7.87
C GLN A 306 38.10 -6.50 -7.86
N PHE A 307 37.38 -7.57 -7.54
CA PHE A 307 35.92 -7.48 -7.47
C PHE A 307 35.46 -6.58 -6.33
N GLU A 308 36.17 -6.60 -5.20
CA GLU A 308 35.76 -5.78 -4.06
C GLU A 308 36.07 -4.30 -4.26
N ASP A 309 37.16 -3.98 -4.97
CA ASP A 309 37.53 -2.58 -5.16
C ASP A 309 36.54 -1.80 -6.01
N LEU A 310 35.64 -2.48 -6.71
CA LEU A 310 34.67 -1.78 -7.55
C LEU A 310 33.64 -0.99 -6.74
N ASN A 311 33.58 -1.19 -5.43
CA ASN A 311 32.59 -0.54 -4.59
C ASN A 311 33.04 0.89 -4.31
N LYS A 312 32.26 1.86 -4.80
CA LYS A 312 32.51 3.27 -4.50
C LYS A 312 31.80 3.74 -3.24
N ARG A 313 30.87 2.94 -2.72
CA ARG A 313 30.11 3.26 -1.51
C ARG A 313 30.50 2.37 -0.35
N LYS A 314 31.81 2.11 -0.21
CA LYS A 314 32.29 1.17 0.80
C LYS A 314 31.75 1.52 2.19
N ASP A 315 31.69 2.82 2.50
CA ASP A 315 31.23 3.22 3.82
C ASP A 315 29.78 2.80 4.07
N THR A 316 28.92 2.93 3.07
CA THR A 316 27.49 2.68 3.24
C THR A 316 27.13 1.20 3.09
N LYS A 317 27.89 0.43 2.32
CA LYS A 317 27.55 -0.96 2.06
C LYS A 317 28.82 -1.80 2.11
N GLU A 318 28.63 -3.10 2.35
CA GLU A 318 29.72 -4.06 2.44
C GLU A 318 29.42 -5.26 1.55
N ILE A 319 30.47 -5.87 1.03
CA ILE A 319 30.37 -7.03 0.14
C ILE A 319 30.90 -8.25 0.87
N TYR A 320 30.13 -9.33 0.85
CA TYR A 320 30.52 -10.61 1.44
C TYR A 320 30.93 -11.55 0.31
N THR A 321 32.14 -12.07 0.38
CA THR A 321 32.70 -12.92 -0.67
C THR A 321 32.82 -14.35 -0.15
N HIS A 322 32.33 -15.30 -0.94
CA HIS A 322 32.41 -16.71 -0.61
C HIS A 322 32.76 -17.49 -1.86
N PHE A 323 33.36 -18.67 -1.66
CA PHE A 323 33.73 -19.56 -2.74
C PHE A 323 32.84 -20.79 -2.68
N THR A 324 32.18 -21.10 -3.80
CA THR A 324 31.26 -22.22 -3.89
C THR A 324 31.88 -23.33 -4.73
N CYS A 325 31.49 -24.57 -4.45
CA CYS A 325 32.02 -25.74 -5.12
C CYS A 325 30.93 -26.81 -5.13
N SER A 326 31.31 -28.01 -5.57
CA SER A 326 30.39 -29.15 -5.51
C SER A 326 29.89 -29.36 -4.08
N THR A 327 30.71 -29.04 -3.09
CA THR A 327 30.24 -29.06 -1.71
C THR A 327 29.11 -28.06 -1.55
N ASP A 328 28.04 -28.47 -0.87
CA ASP A 328 26.82 -27.69 -0.79
C ASP A 328 26.39 -27.35 0.63
N THR A 329 27.01 -27.93 1.65
CA THR A 329 26.55 -27.71 3.02
C THR A 329 26.76 -26.27 3.46
N LYS A 330 27.91 -25.68 3.14
CA LYS A 330 28.30 -24.41 3.74
C LYS A 330 27.65 -23.21 3.06
N ASN A 331 27.13 -23.35 1.84
CA ASN A 331 26.59 -22.19 1.13
C ASN A 331 25.37 -21.63 1.85
N VAL A 332 24.46 -22.52 2.26
CA VAL A 332 23.25 -22.06 2.94
C VAL A 332 23.60 -21.41 4.27
N GLN A 333 24.53 -22.00 5.01
CA GLN A 333 24.95 -21.42 6.28
C GLN A 333 25.56 -20.04 6.08
N PHE A 334 26.41 -19.89 5.06
CA PHE A 334 27.01 -18.59 4.79
C PHE A 334 25.95 -17.56 4.43
N VAL A 335 24.97 -17.96 3.60
CA VAL A 335 23.91 -17.03 3.23
C VAL A 335 23.11 -16.60 4.45
N PHE A 336 22.79 -17.57 5.32
CA PHE A 336 22.03 -17.25 6.53
C PHE A 336 22.82 -16.30 7.44
N ASP A 337 24.11 -16.57 7.60
CA ASP A 337 24.93 -15.70 8.44
C ASP A 337 25.01 -14.28 7.86
N ALA A 338 25.18 -14.17 6.54
CA ALA A 338 25.23 -12.86 5.92
C ALA A 338 23.92 -12.11 6.09
N VAL A 339 22.79 -12.81 5.91
CA VAL A 339 21.48 -12.19 6.07
C VAL A 339 21.31 -11.70 7.51
N THR A 340 21.67 -12.53 8.49
CA THR A 340 21.53 -12.14 9.88
C THR A 340 22.40 -10.93 10.20
N ASP A 341 23.64 -10.92 9.70
CA ASP A 341 24.53 -9.79 9.96
C ASP A 341 23.98 -8.52 9.32
N VAL A 342 23.45 -8.62 8.10
CA VAL A 342 22.89 -7.45 7.43
C VAL A 342 21.70 -6.91 8.20
N ILE A 343 20.83 -7.81 8.68
CA ILE A 343 19.68 -7.37 9.45
C ILE A 343 20.12 -6.71 10.75
N ILE A 344 21.15 -7.26 11.38
CA ILE A 344 21.66 -6.67 12.62
C ILE A 344 22.18 -5.26 12.36
N LYS A 345 22.95 -5.09 11.28
CA LYS A 345 23.45 -3.76 10.95
C LYS A 345 22.32 -2.80 10.64
N ASN A 346 21.30 -3.26 9.92
CA ASN A 346 20.16 -2.38 9.63
C ASN A 346 19.45 -1.96 10.91
N ASN A 347 19.25 -2.90 11.83
CA ASN A 347 18.59 -2.56 13.10
C ASN A 347 19.44 -1.59 13.91
N LEU A 348 20.76 -1.79 13.93
CA LEU A 348 21.63 -0.84 14.61
C LEU A 348 21.51 0.55 13.99
N LYS A 349 21.45 0.62 12.67
CA LYS A 349 21.18 1.90 12.01
C LYS A 349 19.87 2.50 12.50
N ASP A 350 18.83 1.67 12.61
CA ASP A 350 17.53 2.17 13.06
C ASP A 350 17.60 2.73 14.47
N CYS A 351 18.30 2.04 15.37
CA CYS A 351 18.39 2.50 16.76
C CYS A 351 19.31 3.70 16.93
N GLY A 352 20.21 3.95 15.97
CA GLY A 352 21.16 5.06 16.04
C GLY A 352 22.60 4.62 16.05
N LEU A 353 22.87 3.43 16.56
CA LEU A 353 24.23 2.90 16.58
C LEU A 353 24.67 2.51 15.16
N PHE A 354 25.98 2.43 14.98
CA PHE A 354 26.55 1.98 13.71
C PHE A 354 26.23 2.95 12.59
N LEU B 9 21.48 -2.10 -50.34
CA LEU B 9 21.33 -1.57 -48.95
C LEU B 9 21.48 -0.04 -48.94
N ASP B 10 22.52 0.45 -49.62
CA ASP B 10 22.77 1.88 -49.65
C ASP B 10 21.62 2.62 -50.32
N GLN B 11 21.11 2.08 -51.44
CA GLN B 11 20.02 2.74 -52.14
C GLN B 11 18.78 2.86 -51.26
N LEU B 12 18.41 1.78 -50.57
CA LEU B 12 17.23 1.80 -49.71
C LEU B 12 17.43 2.71 -48.51
N ARG B 13 18.64 2.71 -47.93
CA ARG B 13 18.90 3.61 -46.81
C ARG B 13 18.80 5.07 -47.23
N GLN B 14 19.36 5.41 -48.40
CA GLN B 14 19.25 6.78 -48.89
C GLN B 14 17.80 7.13 -49.22
N GLU B 15 17.03 6.17 -49.75
CA GLU B 15 15.62 6.42 -50.00
C GLU B 15 14.87 6.69 -48.70
N ALA B 16 15.19 5.94 -47.64
CA ALA B 16 14.56 6.18 -46.35
C ALA B 16 14.93 7.56 -45.82
N GLU B 17 16.20 7.96 -45.95
CA GLU B 17 16.60 9.30 -45.52
C GLU B 17 15.87 10.37 -46.31
N GLN B 18 15.73 10.17 -47.63
CA GLN B 18 15.01 11.13 -48.45
C GLN B 18 13.54 11.21 -48.05
N LEU B 19 12.93 10.07 -47.74
CA LEU B 19 11.54 10.07 -47.29
C LEU B 19 11.39 10.81 -45.96
N LYS B 20 12.34 10.60 -45.04
CA LYS B 20 12.30 11.33 -43.78
C LYS B 20 12.42 12.83 -44.01
N ASN B 21 13.32 13.24 -44.91
CA ASN B 21 13.48 14.66 -45.21
C ASN B 21 12.21 15.22 -45.84
N GLN B 22 11.59 14.47 -46.75
CA GLN B 22 10.35 14.92 -47.37
C GLN B 22 9.25 15.08 -46.34
N ILE B 23 9.12 14.12 -45.42
CA ILE B 23 8.12 14.22 -44.37
C ILE B 23 8.38 15.45 -43.51
N ARG B 24 9.65 15.68 -43.14
CA ARG B 24 9.98 16.85 -42.34
C ARG B 24 9.61 18.14 -43.07
N ASP B 25 9.93 18.22 -44.36
CA ASP B 25 9.63 19.42 -45.12
C ASP B 25 8.12 19.65 -45.23
N ALA B 26 7.35 18.59 -45.49
CA ALA B 26 5.90 18.73 -45.56
C ALA B 26 5.32 19.18 -44.21
N ARG B 27 5.83 18.61 -43.13
CA ARG B 27 5.38 18.99 -41.79
C ARG B 27 5.71 20.46 -41.52
N LYS B 28 6.91 20.90 -41.92
CA LYS B 28 7.30 22.28 -41.70
C LYS B 28 6.46 23.25 -42.52
N ALA B 29 6.13 22.87 -43.76
CA ALA B 29 5.39 23.77 -44.65
C ALA B 29 4.02 24.14 -44.10
N CYS B 30 3.45 23.30 -43.22
CA CYS B 30 2.13 23.53 -42.67
C CYS B 30 2.15 24.31 -41.36
N ALA B 31 3.34 24.67 -40.87
CA ALA B 31 3.47 25.40 -39.60
C ALA B 31 3.41 26.90 -39.86
N ASP B 32 2.21 27.36 -40.23
CA ASP B 32 2.03 28.80 -40.49
C ASP B 32 1.98 29.60 -39.19
N ALA B 33 1.43 29.01 -38.12
CA ALA B 33 1.30 29.70 -36.85
C ALA B 33 1.57 28.70 -35.73
N THR B 34 1.33 29.13 -34.49
CA THR B 34 1.58 28.30 -33.31
C THR B 34 0.40 28.43 -32.36
N LEU B 35 0.26 27.42 -31.50
CA LEU B 35 -0.85 27.43 -30.54
C LEU B 35 -0.73 28.59 -29.57
N SER B 36 0.48 28.93 -29.14
CA SER B 36 0.66 30.01 -28.18
C SER B 36 0.18 31.34 -28.76
N GLN B 37 0.50 31.62 -30.03
CA GLN B 37 0.08 32.87 -30.63
C GLN B 37 -1.43 32.97 -30.70
N ILE B 38 -2.11 31.87 -31.05
CA ILE B 38 -3.56 31.89 -31.14
C ILE B 38 -4.19 32.03 -29.76
N THR B 39 -3.64 31.34 -28.76
CA THR B 39 -4.20 31.36 -27.42
C THR B 39 -3.80 32.58 -26.60
N ASN B 40 -2.91 33.43 -27.13
CA ASN B 40 -2.56 34.65 -26.43
C ASN B 40 -3.76 35.58 -26.27
N ASN B 41 -4.82 35.38 -27.07
CA ASN B 41 -5.97 36.27 -27.08
C ASN B 41 -7.16 35.73 -26.29
N ILE B 42 -6.92 34.80 -25.37
CA ILE B 42 -7.97 34.28 -24.51
C ILE B 42 -7.53 34.40 -23.05
N ASP B 43 -8.50 34.63 -22.17
CA ASP B 43 -8.19 34.83 -20.76
C ASP B 43 -7.59 33.57 -20.17
N PRO B 44 -6.55 33.69 -19.34
CA PRO B 44 -5.95 32.50 -18.72
C PRO B 44 -6.78 32.03 -17.53
N VAL B 45 -6.50 30.80 -17.11
CA VAL B 45 -7.17 30.23 -15.94
C VAL B 45 -6.51 30.75 -14.67
N GLY B 46 -7.28 30.78 -13.60
CA GLY B 46 -6.80 31.24 -12.32
C GLY B 46 -6.06 30.16 -11.55
N ARG B 47 -5.70 30.49 -10.32
CA ARG B 47 -5.00 29.56 -9.45
C ARG B 47 -5.95 28.44 -9.04
N ILE B 48 -5.60 27.21 -9.41
CA ILE B 48 -6.44 26.05 -9.12
C ILE B 48 -6.09 25.52 -7.74
N GLN B 49 -7.08 25.48 -6.85
CA GLN B 49 -6.90 24.97 -5.50
C GLN B 49 -7.71 23.68 -5.36
N MET B 50 -7.04 22.60 -4.99
CA MET B 50 -7.68 21.30 -4.79
C MET B 50 -7.36 20.81 -3.39
N ARG B 51 -8.39 20.38 -2.66
CA ARG B 51 -8.24 19.87 -1.30
C ARG B 51 -8.51 18.37 -1.30
N THR B 52 -7.58 17.61 -0.73
CA THR B 52 -7.76 16.17 -0.63
C THR B 52 -9.01 15.85 0.16
N ARG B 53 -9.85 14.96 -0.38
CA ARG B 53 -11.11 14.59 0.25
C ARG B 53 -11.07 13.22 0.90
N ARG B 54 -10.37 12.26 0.29
CA ARG B 54 -10.28 10.91 0.81
C ARG B 54 -8.83 10.44 0.75
N THR B 55 -8.41 9.72 1.78
CA THR B 55 -7.07 9.12 1.85
C THR B 55 -7.27 7.61 2.00
N LEU B 56 -7.20 6.89 0.88
CA LEU B 56 -7.44 5.46 0.87
C LEU B 56 -6.23 4.74 1.45
N ARG B 57 -6.44 3.99 2.53
CA ARG B 57 -5.38 3.26 3.21
C ARG B 57 -5.66 1.77 3.14
N GLY B 58 -4.59 0.98 3.26
CA GLY B 58 -4.70 -0.47 3.21
C GLY B 58 -3.55 -1.11 2.47
N HIS B 59 -2.94 -0.38 1.55
CA HIS B 59 -1.78 -0.88 0.83
C HIS B 59 -0.53 -0.74 1.69
N LEU B 60 0.29 -1.79 1.68
CA LEU B 60 1.51 -1.83 2.48
C LEU B 60 2.77 -1.79 1.62
N ALA B 61 2.66 -1.43 0.35
CA ALA B 61 3.80 -1.34 -0.55
C ALA B 61 3.57 -0.19 -1.52
N LYS B 62 4.47 -0.05 -2.48
CA LYS B 62 4.37 1.04 -3.44
C LYS B 62 3.16 0.85 -4.34
N ILE B 63 2.47 1.95 -4.63
CA ILE B 63 1.38 1.97 -5.60
C ILE B 63 1.97 2.20 -6.97
N TYR B 64 1.66 1.30 -7.92
CA TYR B 64 2.23 1.37 -9.25
C TYR B 64 1.23 1.75 -10.33
N ALA B 65 -0.04 1.41 -10.19
CA ALA B 65 -1.04 1.71 -11.20
C ALA B 65 -2.41 1.85 -10.56
N MET B 66 -3.28 2.59 -11.24
CA MET B 66 -4.66 2.74 -10.82
C MET B 66 -5.50 3.08 -12.05
N HIS B 67 -6.81 2.83 -11.95
CA HIS B 67 -7.73 3.13 -13.04
C HIS B 67 -9.09 3.45 -12.47
N TRP B 68 -9.72 4.49 -13.00
CA TRP B 68 -11.05 4.90 -12.56
C TRP B 68 -12.12 4.09 -13.28
N GLY B 69 -13.21 3.79 -12.57
CA GLY B 69 -14.30 3.09 -13.18
C GLY B 69 -15.19 3.99 -14.03
N THR B 70 -15.94 3.35 -14.93
CA THR B 70 -16.85 4.11 -15.78
C THR B 70 -17.93 4.82 -14.97
N ASP B 71 -18.33 4.25 -13.85
CA ASP B 71 -19.33 4.88 -12.99
C ASP B 71 -18.77 6.06 -12.21
N SER B 72 -17.45 6.28 -12.24
CA SER B 72 -16.79 7.38 -11.54
C SER B 72 -16.86 7.22 -10.02
N ARG B 73 -17.17 6.03 -9.53
CA ARG B 73 -17.21 5.74 -8.10
C ARG B 73 -16.21 4.68 -7.68
N LEU B 74 -16.16 3.56 -8.40
CA LEU B 74 -15.25 2.48 -8.08
C LEU B 74 -13.94 2.65 -8.84
N LEU B 75 -12.83 2.35 -8.15
CA LEU B 75 -11.51 2.38 -8.75
C LEU B 75 -10.68 1.24 -8.19
N VAL B 76 -9.72 0.78 -9.00
CA VAL B 76 -8.85 -0.34 -8.64
C VAL B 76 -7.42 0.16 -8.67
N SER B 77 -6.67 -0.16 -7.62
CA SER B 77 -5.27 0.24 -7.49
C SER B 77 -4.39 -1.00 -7.42
N ALA B 78 -3.17 -0.88 -7.94
CA ALA B 78 -2.21 -1.98 -7.99
C ALA B 78 -1.00 -1.65 -7.14
N SER B 79 -0.57 -2.62 -6.33
CA SER B 79 0.60 -2.48 -5.49
C SER B 79 1.43 -3.75 -5.57
N GLN B 80 2.73 -3.61 -5.31
CA GLN B 80 3.66 -4.72 -5.44
C GLN B 80 3.67 -5.64 -4.23
N ASP B 81 2.69 -5.54 -3.34
CA ASP B 81 2.53 -6.49 -2.25
C ASP B 81 1.64 -7.67 -2.63
N GLY B 82 1.20 -7.74 -3.88
CA GLY B 82 0.37 -8.84 -4.33
C GLY B 82 -1.10 -8.71 -4.01
N LYS B 83 -1.64 -7.48 -4.03
CA LYS B 83 -3.04 -7.25 -3.71
C LYS B 83 -3.62 -6.21 -4.66
N LEU B 84 -4.81 -6.49 -5.17
CA LEU B 84 -5.61 -5.53 -5.92
C LEU B 84 -6.83 -5.20 -5.09
N ILE B 85 -7.04 -3.91 -4.81
CA ILE B 85 -8.13 -3.45 -3.96
C ILE B 85 -9.06 -2.58 -4.79
N ILE B 86 -10.35 -2.90 -4.76
CA ILE B 86 -11.38 -2.09 -5.39
C ILE B 86 -11.99 -1.22 -4.30
N TRP B 87 -11.86 0.09 -4.44
CA TRP B 87 -12.26 1.04 -3.42
C TRP B 87 -13.56 1.73 -3.79
N ASP B 88 -14.40 1.95 -2.79
CA ASP B 88 -15.59 2.78 -2.94
C ASP B 88 -15.20 4.20 -2.55
N SER B 89 -14.87 5.02 -3.56
CA SER B 89 -14.36 6.35 -3.28
C SER B 89 -15.34 7.19 -2.47
N TYR B 90 -16.65 6.97 -2.66
CA TYR B 90 -17.64 7.76 -1.94
C TYR B 90 -17.61 7.46 -0.44
N THR B 91 -17.41 6.20 -0.06
CA THR B 91 -17.44 5.80 1.33
C THR B 91 -16.12 5.23 1.84
N THR B 92 -15.13 5.07 0.97
CA THR B 92 -13.79 4.55 1.30
C THR B 92 -13.82 3.04 1.59
N ASN B 93 -14.98 2.41 1.57
CA ASN B 93 -15.05 0.98 1.87
C ASN B 93 -14.36 0.16 0.78
N LYS B 94 -13.70 -0.91 1.19
CA LYS B 94 -13.07 -1.83 0.25
C LYS B 94 -14.11 -2.82 -0.28
N VAL B 95 -14.15 -2.96 -1.59
CA VAL B 95 -15.13 -3.84 -2.23
C VAL B 95 -14.58 -5.24 -2.42
N HIS B 96 -13.35 -5.36 -2.92
CA HIS B 96 -12.74 -6.66 -3.16
C HIS B 96 -11.24 -6.58 -2.89
N ALA B 97 -10.65 -7.74 -2.62
CA ALA B 97 -9.21 -7.88 -2.42
C ALA B 97 -8.75 -9.14 -3.14
N ILE B 98 -7.96 -8.97 -4.20
CA ILE B 98 -7.53 -10.05 -5.05
C ILE B 98 -6.06 -10.34 -4.75
N PRO B 99 -5.73 -11.50 -4.16
CA PRO B 99 -4.31 -11.84 -3.93
C PRO B 99 -3.67 -12.37 -5.20
N LEU B 100 -2.75 -11.60 -5.76
CA LEU B 100 -2.10 -11.99 -7.01
C LEU B 100 -1.17 -13.17 -6.78
N ARG B 101 -1.08 -14.04 -7.80
CA ARG B 101 -0.08 -15.11 -7.77
C ARG B 101 1.33 -14.57 -7.93
N SER B 102 1.48 -13.37 -8.48
CA SER B 102 2.77 -12.69 -8.62
C SER B 102 2.68 -11.34 -7.95
N SER B 103 3.69 -11.00 -7.15
CA SER B 103 3.70 -9.77 -6.37
C SER B 103 4.37 -8.61 -7.10
N TRP B 104 4.78 -8.80 -8.35
CA TRP B 104 5.49 -7.78 -9.11
C TRP B 104 4.60 -7.12 -10.15
N VAL B 105 3.32 -6.90 -9.81
CA VAL B 105 2.41 -6.24 -10.73
C VAL B 105 2.89 -4.84 -11.03
N MET B 106 2.80 -4.44 -12.31
CA MET B 106 3.20 -3.11 -12.74
C MET B 106 2.08 -2.30 -13.37
N THR B 107 0.94 -2.93 -13.71
CA THR B 107 -0.16 -2.22 -14.32
C THR B 107 -1.47 -2.91 -13.95
N CYS B 108 -2.57 -2.17 -14.06
CA CYS B 108 -3.89 -2.70 -13.82
C CYS B 108 -4.89 -2.01 -14.74
N ALA B 109 -5.98 -2.71 -15.04
CA ALA B 109 -7.01 -2.19 -15.93
C ALA B 109 -8.38 -2.58 -15.37
N TYR B 110 -9.38 -1.75 -15.69
CA TYR B 110 -10.75 -1.96 -15.27
C TYR B 110 -11.64 -1.97 -16.50
N ALA B 111 -12.44 -3.02 -16.65
CA ALA B 111 -13.28 -3.14 -17.83
C ALA B 111 -14.33 -2.04 -17.84
N PRO B 112 -14.69 -1.50 -19.01
CA PRO B 112 -15.74 -0.47 -19.04
C PRO B 112 -17.05 -0.92 -18.43
N SER B 113 -17.43 -2.19 -18.64
CA SER B 113 -18.62 -2.73 -18.02
C SER B 113 -18.42 -3.07 -16.55
N GLY B 114 -17.18 -3.18 -16.11
CA GLY B 114 -16.88 -3.49 -14.72
C GLY B 114 -16.95 -4.96 -14.37
N ASN B 115 -17.21 -5.84 -15.34
CA ASN B 115 -17.29 -7.27 -15.04
C ASN B 115 -15.93 -7.92 -14.89
N TYR B 116 -14.86 -7.31 -15.38
CA TYR B 116 -13.54 -7.89 -15.32
C TYR B 116 -12.50 -6.80 -15.08
N VAL B 117 -11.35 -7.22 -14.54
CA VAL B 117 -10.18 -6.37 -14.38
C VAL B 117 -8.96 -7.16 -14.85
N ALA B 118 -7.92 -6.42 -15.23
CA ALA B 118 -6.69 -7.03 -15.73
C ALA B 118 -5.49 -6.37 -15.09
N CYS B 119 -4.39 -7.12 -15.04
CA CYS B 119 -3.15 -6.62 -14.46
C CYS B 119 -1.99 -7.43 -15.02
N GLY B 120 -0.79 -6.91 -14.84
CA GLY B 120 0.40 -7.59 -15.32
C GLY B 120 1.65 -6.93 -14.76
N GLY B 121 2.79 -7.56 -15.05
CA GLY B 121 4.06 -7.06 -14.58
C GLY B 121 5.25 -7.84 -15.10
N LEU B 122 6.22 -8.11 -14.24
CA LEU B 122 7.43 -8.83 -14.65
C LEU B 122 7.16 -10.28 -15.02
N ASP B 123 5.99 -10.81 -14.66
CA ASP B 123 5.67 -12.20 -15.00
C ASP B 123 5.41 -12.40 -16.49
N ASN B 124 5.29 -11.32 -17.26
CA ASN B 124 5.05 -11.39 -18.70
C ASN B 124 3.69 -12.01 -19.04
N ILE B 125 2.78 -12.03 -18.07
CA ILE B 125 1.46 -12.61 -18.26
C ILE B 125 0.41 -11.61 -17.78
N CYS B 126 -0.63 -11.43 -18.57
CA CYS B 126 -1.75 -10.57 -18.23
C CYS B 126 -2.90 -11.45 -17.75
N SER B 127 -3.32 -11.26 -16.51
CA SER B 127 -4.36 -12.08 -15.88
C SER B 127 -5.64 -11.27 -15.77
N ILE B 128 -6.75 -11.88 -16.19
CA ILE B 128 -8.07 -11.26 -16.13
C ILE B 128 -8.88 -11.93 -15.04
N TYR B 129 -9.46 -11.14 -14.15
CA TYR B 129 -10.22 -11.64 -13.01
C TYR B 129 -11.70 -11.26 -13.19
N ASN B 130 -12.58 -12.22 -12.92
CA ASN B 130 -14.01 -11.99 -13.01
C ASN B 130 -14.54 -11.57 -11.64
N LEU B 131 -15.16 -10.39 -11.58
CA LEU B 131 -15.63 -9.83 -10.32
C LEU B 131 -17.09 -10.14 -10.02
N LYS B 132 -17.77 -10.89 -10.89
CA LYS B 132 -19.20 -11.16 -10.75
C LYS B 132 -19.47 -12.65 -10.93
N THR B 133 -18.67 -13.48 -10.27
CA THR B 133 -18.89 -14.92 -10.30
C THR B 133 -20.05 -15.29 -9.38
N ARG B 134 -20.72 -16.40 -9.72
CA ARG B 134 -21.84 -16.85 -8.91
C ARG B 134 -21.38 -17.33 -7.53
N GLU B 135 -20.14 -17.81 -7.43
CA GLU B 135 -19.63 -18.27 -6.14
C GLU B 135 -19.39 -17.12 -5.17
N GLY B 136 -19.28 -15.89 -5.67
CA GLY B 136 -19.05 -14.74 -4.83
C GLY B 136 -17.60 -14.41 -4.58
N ASN B 137 -16.67 -15.25 -5.01
CA ASN B 137 -15.24 -15.00 -4.85
C ASN B 137 -14.62 -14.64 -6.20
N VAL B 138 -13.68 -13.71 -6.16
CA VAL B 138 -13.00 -13.27 -7.38
C VAL B 138 -11.96 -14.31 -7.78
N ARG B 139 -12.03 -14.78 -9.01
CA ARG B 139 -11.12 -15.79 -9.53
C ARG B 139 -10.62 -15.36 -10.90
N VAL B 140 -9.43 -15.84 -11.25
CA VAL B 140 -8.84 -15.52 -12.55
C VAL B 140 -9.63 -16.22 -13.64
N SER B 141 -10.05 -15.45 -14.65
CA SER B 141 -10.82 -16.00 -15.76
C SER B 141 -9.94 -16.45 -16.92
N ARG B 142 -8.91 -15.67 -17.25
CA ARG B 142 -8.03 -16.00 -18.35
C ARG B 142 -6.65 -15.41 -18.08
N GLU B 143 -5.62 -16.12 -18.51
CA GLU B 143 -4.24 -15.68 -18.41
C GLU B 143 -3.67 -15.56 -19.82
N LEU B 144 -3.25 -14.36 -20.19
CA LEU B 144 -2.75 -14.10 -21.54
C LEU B 144 -1.23 -14.23 -21.52
N ALA B 145 -0.71 -15.19 -22.28
CA ALA B 145 0.72 -15.45 -22.35
C ALA B 145 1.17 -15.40 -23.81
N GLY B 146 2.44 -15.07 -24.00
CA GLY B 146 3.01 -14.97 -25.33
C GLY B 146 4.02 -13.85 -25.45
N HIS B 147 3.95 -12.88 -24.53
CA HIS B 147 4.90 -11.78 -24.52
C HIS B 147 6.24 -12.24 -23.95
N THR B 148 7.31 -11.66 -24.48
CA THR B 148 8.67 -11.96 -24.04
C THR B 148 9.26 -10.87 -23.17
N GLY B 149 8.41 -10.03 -22.58
CA GLY B 149 8.88 -8.96 -21.72
C GLY B 149 7.80 -8.57 -20.73
N TYR B 150 8.21 -7.77 -19.74
CA TYR B 150 7.29 -7.32 -18.71
C TYR B 150 6.17 -6.49 -19.31
N LEU B 151 4.96 -6.67 -18.78
CA LEU B 151 3.81 -5.90 -19.25
C LEU B 151 3.91 -4.46 -18.72
N SER B 152 3.78 -3.49 -19.63
CA SER B 152 3.87 -2.09 -19.25
C SER B 152 2.51 -1.47 -18.99
N CYS B 153 1.55 -1.70 -19.90
CA CYS B 153 0.22 -1.14 -19.75
C CYS B 153 -0.79 -2.06 -20.42
N CYS B 154 -2.04 -1.93 -20.01
CA CYS B 154 -3.13 -2.70 -20.59
C CYS B 154 -4.43 -1.91 -20.43
N ARG B 155 -5.28 -1.98 -21.45
CA ARG B 155 -6.55 -1.26 -21.45
C ARG B 155 -7.61 -2.11 -22.13
N PHE B 156 -8.79 -2.20 -21.53
CA PHE B 156 -9.87 -3.00 -22.08
C PHE B 156 -10.56 -2.27 -23.22
N LEU B 157 -10.57 -2.87 -24.41
CA LEU B 157 -11.41 -2.38 -25.49
C LEU B 157 -12.86 -2.75 -25.26
N ASP B 158 -13.10 -3.94 -24.72
CA ASP B 158 -14.44 -4.40 -24.36
C ASP B 158 -14.27 -5.67 -23.54
N ASP B 159 -15.40 -6.29 -23.18
CA ASP B 159 -15.36 -7.48 -22.33
C ASP B 159 -14.72 -8.67 -23.03
N ASN B 160 -14.59 -8.63 -24.35
CA ASN B 160 -14.09 -9.78 -25.10
C ASN B 160 -12.63 -9.67 -25.49
N GLN B 161 -12.13 -8.46 -25.78
CA GLN B 161 -10.77 -8.27 -26.25
C GLN B 161 -10.08 -7.18 -25.43
N ILE B 162 -8.76 -7.31 -25.32
CA ILE B 162 -7.94 -6.37 -24.56
C ILE B 162 -6.63 -6.15 -25.31
N VAL B 163 -6.11 -4.92 -25.19
CA VAL B 163 -4.84 -4.53 -25.81
C VAL B 163 -3.83 -4.32 -24.69
N THR B 164 -2.64 -4.90 -24.85
CA THR B 164 -1.62 -4.87 -23.82
C THR B 164 -0.30 -4.38 -24.41
N SER B 165 0.54 -3.83 -23.54
CA SER B 165 1.87 -3.37 -23.89
C SER B 165 2.91 -4.17 -23.11
N SER B 166 4.05 -4.43 -23.74
CA SER B 166 5.08 -5.26 -23.14
C SER B 166 6.45 -4.62 -23.39
N GLY B 167 7.41 -5.01 -22.56
CA GLY B 167 8.77 -4.51 -22.69
C GLY B 167 9.52 -5.06 -23.89
N ASP B 168 8.93 -5.98 -24.64
CA ASP B 168 9.55 -6.54 -25.83
C ASP B 168 9.43 -5.62 -27.04
N THR B 169 9.04 -4.37 -26.85
CA THR B 169 8.98 -3.36 -27.91
C THR B 169 7.84 -3.61 -28.89
N THR B 170 6.82 -4.39 -28.48
CA THR B 170 5.68 -4.66 -29.33
C THR B 170 4.40 -4.64 -28.50
N CYS B 171 3.29 -4.32 -29.16
CA CYS B 171 1.97 -4.35 -28.56
C CYS B 171 1.11 -5.36 -29.29
N ALA B 172 0.24 -6.05 -28.55
CA ALA B 172 -0.58 -7.11 -29.10
C ALA B 172 -2.04 -6.92 -28.68
N LEU B 173 -2.94 -7.33 -29.56
CA LEU B 173 -4.37 -7.33 -29.29
C LEU B 173 -4.80 -8.76 -28.98
N TRP B 174 -5.46 -8.94 -27.84
CA TRP B 174 -5.79 -10.27 -27.33
C TRP B 174 -7.29 -10.48 -27.32
N ASP B 175 -7.69 -11.73 -27.57
CA ASP B 175 -9.08 -12.16 -27.48
C ASP B 175 -9.20 -13.01 -26.22
N ILE B 176 -9.95 -12.51 -25.24
CA ILE B 176 -10.03 -13.20 -23.95
C ILE B 176 -10.65 -14.58 -24.12
N GLU B 177 -11.73 -14.66 -24.91
CA GLU B 177 -12.39 -15.95 -25.10
C GLU B 177 -11.45 -16.97 -25.75
N THR B 178 -10.74 -16.56 -26.80
CA THR B 178 -9.82 -17.46 -27.47
C THR B 178 -8.51 -17.63 -26.69
N GLY B 179 -8.05 -16.59 -26.02
CA GLY B 179 -6.83 -16.66 -25.25
C GLY B 179 -5.56 -16.47 -26.03
N GLN B 180 -5.65 -16.17 -27.33
CA GLN B 180 -4.48 -15.96 -28.17
C GLN B 180 -4.57 -14.59 -28.83
N GLN B 181 -3.40 -13.94 -28.96
CA GLN B 181 -3.36 -12.62 -29.56
C GLN B 181 -3.73 -12.69 -31.05
N THR B 182 -4.55 -11.74 -31.49
CA THR B 182 -5.00 -11.70 -32.87
C THR B 182 -4.13 -10.81 -33.75
N THR B 183 -3.62 -9.70 -33.21
CA THR B 183 -2.81 -8.77 -33.97
C THR B 183 -1.58 -8.40 -33.14
N THR B 184 -0.48 -8.13 -33.85
CA THR B 184 0.77 -7.73 -33.23
C THR B 184 1.21 -6.40 -33.84
N PHE B 185 1.62 -5.46 -32.99
CA PHE B 185 2.04 -4.13 -33.41
C PHE B 185 3.55 -4.04 -33.23
N THR B 186 4.28 -4.12 -34.34
CA THR B 186 5.73 -4.06 -34.34
C THR B 186 6.21 -2.78 -35.02
N GLY B 187 7.40 -2.34 -34.63
CA GLY B 187 7.98 -1.13 -35.20
C GLY B 187 8.73 -0.29 -34.17
N HIS B 188 8.35 -0.42 -32.91
CA HIS B 188 9.01 0.35 -31.85
C HIS B 188 10.43 -0.17 -31.64
N THR B 189 11.39 0.76 -31.59
CA THR B 189 12.78 0.40 -31.34
C THR B 189 13.09 0.21 -29.86
N GLY B 190 12.21 0.68 -28.96
CA GLY B 190 12.43 0.56 -27.55
C GLY B 190 11.21 -0.01 -26.84
N ASP B 191 11.39 -0.30 -25.56
CA ASP B 191 10.31 -0.89 -24.78
C ASP B 191 9.12 0.05 -24.71
N VAL B 192 7.93 -0.50 -24.93
CA VAL B 192 6.70 0.29 -24.85
C VAL B 192 6.32 0.44 -23.38
N MET B 193 6.06 1.68 -22.97
CA MET B 193 5.84 2.00 -21.56
C MET B 193 4.39 2.33 -21.21
N SER B 194 3.61 2.86 -22.15
CA SER B 194 2.26 3.30 -21.83
C SER B 194 1.36 3.13 -23.06
N LEU B 195 0.06 3.07 -22.79
CA LEU B 195 -0.96 2.98 -23.83
C LEU B 195 -2.09 3.95 -23.52
N SER B 196 -2.77 4.39 -24.57
CA SER B 196 -3.95 5.26 -24.44
C SER B 196 -4.91 4.93 -25.57
N LEU B 197 -6.19 4.78 -25.22
CA LEU B 197 -7.23 4.43 -26.18
C LEU B 197 -8.05 5.67 -26.51
N ALA B 198 -8.31 5.86 -27.80
CA ALA B 198 -9.11 6.99 -28.25
C ALA B 198 -10.56 6.81 -27.82
N PRO B 199 -11.32 7.91 -27.75
CA PRO B 199 -12.73 7.77 -27.34
C PRO B 199 -13.52 6.81 -28.21
N ASP B 200 -13.25 6.78 -29.51
CA ASP B 200 -13.94 5.87 -30.41
C ASP B 200 -13.38 4.45 -30.39
N THR B 201 -12.20 4.26 -29.79
CA THR B 201 -11.53 2.97 -29.69
C THR B 201 -11.10 2.42 -31.04
N ARG B 202 -11.17 3.23 -32.11
CA ARG B 202 -10.74 2.76 -33.42
C ARG B 202 -9.23 2.69 -33.54
N LEU B 203 -8.51 3.53 -32.80
CA LEU B 203 -7.06 3.59 -32.89
C LEU B 203 -6.50 4.03 -31.55
N PHE B 204 -5.22 3.72 -31.33
CA PHE B 204 -4.57 3.99 -30.06
C PHE B 204 -3.13 4.43 -30.31
N VAL B 205 -2.55 5.10 -29.32
CA VAL B 205 -1.18 5.58 -29.37
C VAL B 205 -0.39 4.92 -28.25
N SER B 206 0.88 4.64 -28.54
CA SER B 206 1.78 4.01 -27.57
C SER B 206 3.10 4.76 -27.55
N GLY B 207 3.69 4.87 -26.36
CA GLY B 207 5.00 5.49 -26.17
C GLY B 207 6.01 4.46 -25.76
N ALA B 208 7.24 4.61 -26.25
CA ALA B 208 8.30 3.65 -26.01
C ALA B 208 9.55 4.38 -25.56
N CYS B 209 10.59 3.61 -25.22
CA CYS B 209 11.86 4.17 -24.76
C CYS B 209 12.66 4.82 -25.89
N ASP B 210 12.24 4.65 -27.14
CA ASP B 210 12.93 5.26 -28.28
C ASP B 210 12.61 6.74 -28.43
N ALA B 211 11.95 7.35 -27.44
CA ALA B 211 11.61 8.78 -27.48
C ALA B 211 10.71 9.10 -28.67
N SER B 212 9.87 8.14 -29.08
CA SER B 212 8.96 8.31 -30.19
C SER B 212 7.59 7.77 -29.82
N ALA B 213 6.56 8.39 -30.38
CA ALA B 213 5.18 7.96 -30.20
C ALA B 213 4.60 7.53 -31.53
N LYS B 214 3.95 6.38 -31.57
CA LYS B 214 3.42 5.81 -32.79
C LYS B 214 1.90 5.68 -32.70
N LEU B 215 1.24 5.87 -33.83
CA LEU B 215 -0.20 5.76 -33.95
C LEU B 215 -0.54 4.43 -34.63
N TRP B 216 -1.36 3.62 -33.97
CA TRP B 216 -1.70 2.29 -34.46
C TRP B 216 -3.20 2.19 -34.69
N ASP B 217 -3.58 1.58 -35.81
CA ASP B 217 -4.98 1.31 -36.13
C ASP B 217 -5.30 -0.12 -35.69
N VAL B 218 -6.31 -0.25 -34.83
CA VAL B 218 -6.62 -1.56 -34.25
C VAL B 218 -7.06 -2.54 -35.33
N ARG B 219 -7.94 -2.09 -36.22
CA ARG B 219 -8.50 -3.00 -37.22
C ARG B 219 -7.46 -3.40 -38.26
N GLU B 220 -6.72 -2.43 -38.81
CA GLU B 220 -5.72 -2.72 -39.83
C GLU B 220 -4.44 -3.30 -39.25
N GLY B 221 -4.13 -3.00 -37.99
CA GLY B 221 -2.91 -3.51 -37.38
C GLY B 221 -1.64 -2.99 -38.02
N MET B 222 -1.63 -1.71 -38.42
CA MET B 222 -0.46 -1.10 -39.03
C MET B 222 -0.26 0.28 -38.44
N CYS B 223 0.99 0.74 -38.45
CA CYS B 223 1.32 2.06 -37.93
C CYS B 223 0.80 3.14 -38.88
N ARG B 224 0.15 4.16 -38.32
CA ARG B 224 -0.40 5.25 -39.11
C ARG B 224 0.55 6.44 -39.14
N GLN B 225 1.01 6.89 -37.98
CA GLN B 225 1.88 8.04 -37.88
C GLN B 225 2.91 7.81 -36.79
N THR B 226 4.03 8.52 -36.89
CA THR B 226 5.10 8.47 -35.91
C THR B 226 5.45 9.89 -35.47
N PHE B 227 5.57 10.09 -34.16
CA PHE B 227 5.86 11.40 -33.59
C PHE B 227 7.17 11.33 -32.83
N THR B 228 7.96 12.41 -32.91
CA THR B 228 9.25 12.49 -32.25
C THR B 228 9.47 13.91 -31.78
N GLY B 229 10.47 14.08 -30.91
CA GLY B 229 10.81 15.38 -30.37
C GLY B 229 11.26 15.33 -28.94
N HIS B 230 10.94 14.26 -28.23
CA HIS B 230 11.38 14.11 -26.85
C HIS B 230 12.87 13.79 -26.80
N GLU B 231 13.54 14.35 -25.79
CA GLU B 231 14.97 14.11 -25.60
C GLU B 231 15.24 12.86 -24.77
N SER B 232 14.21 12.20 -24.26
CA SER B 232 14.39 11.03 -23.40
C SER B 232 13.20 10.10 -23.60
N ASP B 233 13.23 8.98 -22.89
CA ASP B 233 12.17 7.97 -22.99
C ASP B 233 10.83 8.55 -22.53
N ILE B 234 9.77 8.10 -23.19
CA ILE B 234 8.41 8.52 -22.86
C ILE B 234 7.80 7.52 -21.89
N ASN B 235 7.25 8.04 -20.79
CA ASN B 235 6.67 7.20 -19.74
C ASN B 235 5.15 7.23 -19.70
N ALA B 236 4.54 8.36 -20.07
CA ALA B 236 3.10 8.52 -19.99
C ALA B 236 2.56 9.06 -21.31
N ILE B 237 1.31 8.69 -21.61
CA ILE B 237 0.62 9.15 -22.81
C ILE B 237 -0.87 9.13 -22.54
N CYS B 238 -1.57 10.12 -23.09
CA CYS B 238 -3.01 10.24 -22.87
C CYS B 238 -3.63 11.00 -24.04
N PHE B 239 -4.78 10.52 -24.50
CA PHE B 239 -5.49 11.18 -25.58
C PHE B 239 -6.21 12.44 -25.08
N PHE B 240 -6.27 13.44 -25.95
CA PHE B 240 -7.09 14.61 -25.69
C PHE B 240 -8.56 14.22 -25.74
N PRO B 241 -9.41 14.86 -24.94
CA PRO B 241 -10.84 14.44 -24.92
C PRO B 241 -11.49 14.47 -26.29
N ASN B 242 -11.14 15.44 -27.13
CA ASN B 242 -11.69 15.46 -28.49
C ASN B 242 -11.26 14.24 -29.28
N GLY B 243 -10.03 13.76 -29.06
CA GLY B 243 -9.52 12.60 -29.75
C GLY B 243 -8.60 12.91 -30.91
N ASN B 244 -8.45 14.18 -31.28
CA ASN B 244 -7.58 14.58 -32.37
C ASN B 244 -6.18 14.97 -31.91
N ALA B 245 -5.89 14.86 -30.61
CA ALA B 245 -4.59 15.23 -30.08
C ALA B 245 -4.32 14.39 -28.84
N PHE B 246 -3.04 14.31 -28.47
CA PHE B 246 -2.62 13.57 -27.30
C PHE B 246 -1.39 14.22 -26.70
N ALA B 247 -1.16 13.95 -25.41
CA ALA B 247 -0.02 14.47 -24.69
C ALA B 247 0.86 13.31 -24.23
N THR B 248 2.14 13.59 -24.06
CA THR B 248 3.13 12.60 -23.68
C THR B 248 3.98 13.12 -22.53
N GLY B 249 4.46 12.18 -21.70
CA GLY B 249 5.33 12.51 -20.59
C GLY B 249 6.63 11.73 -20.66
N SER B 250 7.76 12.42 -20.50
CA SER B 250 9.07 11.81 -20.64
C SER B 250 9.94 12.16 -19.44
N ASP B 251 11.11 11.53 -19.36
CA ASP B 251 12.02 11.72 -18.24
C ASP B 251 12.73 13.06 -18.28
N ASP B 252 12.64 13.82 -19.36
CA ASP B 252 13.31 15.10 -19.47
C ASP B 252 12.55 16.24 -18.81
N ALA B 253 11.60 15.92 -17.92
CA ALA B 253 10.84 16.93 -17.19
C ALA B 253 10.06 17.85 -18.14
N THR B 254 9.52 17.29 -19.22
CA THR B 254 8.79 18.06 -20.21
C THR B 254 7.62 17.26 -20.73
N CYS B 255 6.47 17.93 -20.88
CA CYS B 255 5.29 17.35 -21.52
C CYS B 255 5.07 18.02 -22.86
N ARG B 256 4.75 17.21 -23.88
CA ARG B 256 4.59 17.70 -25.23
C ARG B 256 3.24 17.28 -25.77
N LEU B 257 2.59 18.19 -26.52
CA LEU B 257 1.27 17.96 -27.09
C LEU B 257 1.42 17.78 -28.60
N PHE B 258 0.78 16.73 -29.13
CA PHE B 258 0.83 16.41 -30.54
C PHE B 258 -0.58 16.32 -31.09
N ASP B 259 -0.73 16.68 -32.37
CA ASP B 259 -2.02 16.66 -33.06
C ASP B 259 -1.99 15.60 -34.16
N LEU B 260 -3.02 14.75 -34.19
CA LEU B 260 -3.07 13.69 -35.20
C LEU B 260 -3.21 14.27 -36.61
N ARG B 261 -4.08 15.26 -36.79
CA ARG B 261 -4.31 15.84 -38.11
C ARG B 261 -3.13 16.67 -38.59
N ALA B 262 -2.57 17.52 -37.72
CA ALA B 262 -1.41 18.31 -38.10
C ALA B 262 -0.12 17.50 -38.08
N ASP B 263 -0.10 16.37 -37.37
CA ASP B 263 1.04 15.47 -37.38
C ASP B 263 2.32 16.17 -36.93
N GLN B 264 2.21 17.07 -35.95
CA GLN B 264 3.37 17.77 -35.42
C GLN B 264 3.02 18.35 -34.05
N GLU B 265 4.06 18.74 -33.33
CA GLU B 265 3.89 19.25 -31.98
C GLU B 265 3.11 20.56 -31.99
N LEU B 266 2.29 20.76 -30.95
CA LEU B 266 1.53 21.99 -30.79
C LEU B 266 2.12 22.90 -29.73
N MET B 267 2.36 22.39 -28.52
CA MET B 267 2.87 23.21 -27.43
C MET B 267 3.68 22.33 -26.49
N THR B 268 4.57 22.97 -25.74
CA THR B 268 5.45 22.28 -24.81
C THR B 268 5.24 22.83 -23.39
N TYR B 269 5.21 21.92 -22.42
CA TYR B 269 5.02 22.27 -21.01
C TYR B 269 6.26 21.85 -20.24
N SER B 270 7.00 22.83 -19.74
CA SER B 270 8.21 22.55 -18.96
C SER B 270 8.55 23.78 -18.13
N HIS B 271 9.30 23.55 -17.07
CA HIS B 271 9.76 24.61 -16.19
C HIS B 271 11.23 24.39 -15.87
N ASP B 272 11.95 25.50 -15.65
CA ASP B 272 13.38 25.42 -15.38
C ASP B 272 13.65 24.69 -14.07
N ASN B 273 12.82 24.92 -13.05
CA ASN B 273 13.05 24.35 -11.73
C ASN B 273 12.63 22.89 -11.62
N ILE B 274 12.02 22.32 -12.66
CA ILE B 274 11.66 20.91 -12.68
C ILE B 274 12.79 20.16 -13.37
N ILE B 275 13.48 19.30 -12.62
CA ILE B 275 14.57 18.51 -13.16
C ILE B 275 14.26 17.02 -13.21
N CYS B 276 13.32 16.53 -12.40
CA CYS B 276 13.00 15.12 -12.36
C CYS B 276 12.04 14.74 -13.48
N GLY B 277 11.89 13.44 -13.69
CA GLY B 277 11.06 12.94 -14.77
C GLY B 277 9.58 13.01 -14.46
N ILE B 278 8.78 12.54 -15.42
CA ILE B 278 7.32 12.56 -15.34
C ILE B 278 6.83 11.12 -15.40
N THR B 279 5.95 10.75 -14.48
CA THR B 279 5.43 9.39 -14.37
C THR B 279 4.12 9.19 -15.10
N SER B 280 3.13 10.05 -14.84
CA SER B 280 1.81 9.91 -15.42
C SER B 280 1.32 11.25 -15.95
N VAL B 281 0.45 11.18 -16.95
CA VAL B 281 -0.15 12.35 -17.58
C VAL B 281 -1.62 12.08 -17.79
N SER B 282 -2.45 13.10 -17.56
CA SER B 282 -3.89 12.96 -17.72
C SER B 282 -4.47 14.29 -18.17
N PHE B 283 -5.67 14.22 -18.75
CA PHE B 283 -6.38 15.38 -19.25
C PHE B 283 -7.68 15.58 -18.48
N SER B 284 -8.08 16.84 -18.33
CA SER B 284 -9.34 17.16 -17.70
C SER B 284 -10.51 16.76 -18.62
N LYS B 285 -11.72 16.81 -18.06
CA LYS B 285 -12.89 16.41 -18.84
C LYS B 285 -13.04 17.28 -20.09
N SER B 286 -12.87 18.60 -19.94
CA SER B 286 -12.96 19.51 -21.06
C SER B 286 -11.64 19.70 -21.79
N GLY B 287 -10.54 19.16 -21.24
CA GLY B 287 -9.23 19.33 -21.84
C GLY B 287 -8.56 20.66 -21.55
N ARG B 288 -9.18 21.52 -20.73
CA ARG B 288 -8.60 22.83 -20.46
C ARG B 288 -7.35 22.72 -19.58
N LEU B 289 -7.28 21.71 -18.72
CA LEU B 289 -6.19 21.55 -17.78
C LEU B 289 -5.51 20.20 -17.99
N LEU B 290 -4.18 20.20 -17.88
CA LEU B 290 -3.38 18.99 -17.99
C LEU B 290 -2.74 18.68 -16.66
N LEU B 291 -2.93 17.46 -16.18
CA LEU B 291 -2.38 17.01 -14.90
C LEU B 291 -1.30 15.96 -15.16
N ALA B 292 -0.12 16.18 -14.60
CA ALA B 292 1.00 15.26 -14.78
C ALA B 292 1.70 15.05 -13.44
N GLY B 293 2.09 13.80 -13.18
CA GLY B 293 2.82 13.47 -11.99
C GLY B 293 4.32 13.56 -12.20
N TYR B 294 5.04 13.82 -11.10
CA TYR B 294 6.48 14.00 -11.15
C TYR B 294 7.13 13.20 -10.02
N ASP B 295 8.41 12.88 -10.22
CA ASP B 295 9.18 12.15 -9.21
C ASP B 295 9.51 13.03 -8.00
N ASP B 296 9.25 14.34 -8.07
CA ASP B 296 9.53 15.25 -6.97
C ASP B 296 8.46 15.22 -5.89
N PHE B 297 7.61 14.20 -5.87
CA PHE B 297 6.63 13.91 -4.81
C PHE B 297 5.40 14.81 -4.89
N ASN B 298 5.14 15.45 -6.03
CA ASN B 298 3.93 16.26 -6.17
C ASN B 298 3.53 16.30 -7.63
N CYS B 299 2.27 16.64 -7.86
CA CYS B 299 1.69 16.73 -9.19
C CYS B 299 1.40 18.20 -9.52
N ASN B 300 1.73 18.60 -10.74
CA ASN B 300 1.56 19.98 -11.19
C ASN B 300 0.47 20.04 -12.24
N VAL B 301 -0.41 21.03 -12.12
CA VAL B 301 -1.47 21.26 -13.09
C VAL B 301 -0.98 22.26 -14.12
N TRP B 302 -1.12 21.91 -15.40
CA TRP B 302 -0.64 22.73 -16.50
C TRP B 302 -1.82 23.23 -17.33
N ASP B 303 -1.71 24.47 -17.79
CA ASP B 303 -2.71 25.05 -18.68
C ASP B 303 -2.43 24.56 -20.10
N ALA B 304 -3.35 23.77 -20.66
CA ALA B 304 -3.10 23.15 -21.95
C ALA B 304 -2.94 24.20 -23.06
N LEU B 305 -3.77 25.24 -23.04
CA LEU B 305 -3.81 26.21 -24.11
C LEU B 305 -2.77 27.32 -23.95
N LYS B 306 -2.08 27.41 -22.81
CA LYS B 306 -1.12 28.48 -22.58
C LYS B 306 0.20 28.00 -21.99
N ALA B 307 0.32 26.73 -21.60
CA ALA B 307 1.56 26.20 -21.01
C ALA B 307 1.94 26.97 -19.75
N ASP B 308 0.95 27.46 -19.02
CA ASP B 308 1.16 28.18 -17.77
C ASP B 308 0.72 27.31 -16.61
N ARG B 309 1.57 27.18 -15.60
CA ARG B 309 1.26 26.34 -14.45
C ARG B 309 0.00 26.85 -13.76
N ALA B 310 -0.92 25.94 -13.44
CA ALA B 310 -2.18 26.28 -12.81
C ALA B 310 -2.21 25.96 -11.32
N GLY B 311 -1.47 24.95 -10.88
CA GLY B 311 -1.46 24.59 -9.47
C GLY B 311 -0.57 23.39 -9.25
N VAL B 312 -0.34 23.10 -7.97
CA VAL B 312 0.48 21.97 -7.55
C VAL B 312 -0.29 21.17 -6.51
N LEU B 313 -0.36 19.85 -6.70
CA LEU B 313 -1.03 18.95 -5.77
C LEU B 313 0.04 18.30 -4.90
N ALA B 314 0.31 18.92 -3.75
CA ALA B 314 1.31 18.43 -2.81
C ALA B 314 0.63 17.72 -1.64
N GLY B 315 1.38 16.81 -1.02
CA GLY B 315 0.85 16.04 0.10
C GLY B 315 1.31 14.60 0.09
N HIS B 316 2.08 14.20 -0.92
CA HIS B 316 2.61 12.85 -1.02
C HIS B 316 4.05 12.81 -0.51
N ASP B 317 4.36 11.79 0.26
CA ASP B 317 5.69 11.64 0.86
C ASP B 317 6.64 10.83 -0.01
N ASN B 318 6.22 10.41 -1.20
CA ASN B 318 7.06 9.61 -2.08
C ASN B 318 6.66 9.90 -3.52
N ARG B 319 7.31 9.20 -4.44
CA ARG B 319 7.09 9.43 -5.87
C ARG B 319 5.63 9.20 -6.23
N VAL B 320 5.09 10.09 -7.06
CA VAL B 320 3.75 9.94 -7.61
C VAL B 320 3.86 9.06 -8.85
N SER B 321 3.25 7.87 -8.79
CA SER B 321 3.40 6.88 -9.85
C SER B 321 2.29 6.95 -10.89
N CYS B 322 1.04 7.21 -10.46
CA CYS B 322 -0.07 7.19 -11.38
C CYS B 322 -1.14 8.17 -10.90
N LEU B 323 -2.00 8.59 -11.83
CA LEU B 323 -3.12 9.46 -11.51
C LEU B 323 -4.17 9.28 -12.61
N GLY B 324 -5.40 9.69 -12.29
CA GLY B 324 -6.48 9.58 -13.24
C GLY B 324 -7.68 10.43 -12.88
N VAL B 325 -8.34 10.98 -13.91
CA VAL B 325 -9.53 11.79 -13.71
C VAL B 325 -10.76 10.90 -13.85
N THR B 326 -11.77 11.16 -13.03
CA THR B 326 -13.01 10.40 -13.11
C THR B 326 -13.69 10.63 -14.45
N ASP B 327 -14.44 9.61 -14.90
CA ASP B 327 -15.12 9.71 -16.19
C ASP B 327 -16.02 10.93 -16.25
N ASP B 328 -16.64 11.29 -15.13
CA ASP B 328 -17.49 12.48 -15.07
C ASP B 328 -16.70 13.75 -14.80
N GLY B 329 -15.40 13.65 -14.55
CA GLY B 329 -14.58 14.82 -14.30
C GLY B 329 -14.75 15.43 -12.93
N MET B 330 -15.46 14.77 -12.02
CA MET B 330 -15.70 15.35 -10.71
C MET B 330 -14.42 15.49 -9.90
N ALA B 331 -13.64 14.42 -9.82
CA ALA B 331 -12.45 14.40 -8.97
C ALA B 331 -11.32 13.65 -9.68
N VAL B 332 -10.11 13.85 -9.17
CA VAL B 332 -8.91 13.22 -9.71
C VAL B 332 -8.22 12.49 -8.56
N ALA B 333 -7.85 11.23 -8.80
CA ALA B 333 -7.16 10.41 -7.82
C ALA B 333 -5.70 10.26 -8.22
N THR B 334 -4.81 10.32 -7.23
CA THR B 334 -3.37 10.25 -7.44
C THR B 334 -2.79 9.13 -6.60
N GLY B 335 -1.98 8.28 -7.22
CA GLY B 335 -1.26 7.24 -6.52
C GLY B 335 0.20 7.60 -6.33
N SER B 336 0.81 7.01 -5.31
CA SER B 336 2.19 7.33 -4.97
C SER B 336 2.85 6.11 -4.32
N TRP B 337 4.18 6.13 -4.30
CA TRP B 337 4.96 5.03 -3.76
C TRP B 337 4.87 4.92 -2.25
N ASP B 338 4.31 5.90 -1.56
CA ASP B 338 4.20 5.88 -0.11
C ASP B 338 3.09 4.95 0.38
N SER B 339 2.47 4.18 -0.51
CA SER B 339 1.40 3.23 -0.19
C SER B 339 0.08 3.92 0.12
N PHE B 340 -0.07 5.19 -0.25
CA PHE B 340 -1.29 5.95 0.00
C PHE B 340 -1.83 6.48 -1.32
N LEU B 341 -3.15 6.41 -1.48
CA LEU B 341 -3.83 6.94 -2.66
C LEU B 341 -4.80 8.02 -2.19
N LYS B 342 -4.70 9.19 -2.80
CA LYS B 342 -5.49 10.35 -2.40
C LYS B 342 -6.40 10.79 -3.54
N ILE B 343 -7.55 11.33 -3.17
CA ILE B 343 -8.53 11.87 -4.11
C ILE B 343 -8.63 13.37 -3.88
N TRP B 344 -8.50 14.14 -4.96
CA TRP B 344 -8.48 15.60 -4.89
C TRP B 344 -9.73 16.17 -5.57
N ASN B 345 -10.20 17.28 -5.03
CA ASN B 345 -11.39 17.94 -5.56
C ASN B 345 -11.30 19.45 -5.36
N ALA C 7 19.14 -9.43 -42.37
CA ALA C 7 18.28 -8.56 -41.52
C ALA C 7 18.37 -7.11 -41.97
N SER C 8 19.57 -6.68 -42.37
CA SER C 8 19.76 -5.30 -42.79
C SER C 8 18.90 -4.98 -44.02
N ILE C 9 18.89 -5.88 -45.01
CA ILE C 9 18.12 -5.63 -46.22
C ILE C 9 16.63 -5.60 -45.89
N ALA C 10 16.13 -6.58 -45.15
CA ALA C 10 14.72 -6.62 -44.81
C ALA C 10 14.33 -5.43 -43.94
N GLN C 11 15.18 -5.08 -42.98
CA GLN C 11 14.88 -3.93 -42.13
C GLN C 11 14.81 -2.65 -42.95
N ALA C 12 15.79 -2.43 -43.83
CA ALA C 12 15.79 -1.23 -44.65
C ALA C 12 14.55 -1.19 -45.53
N ARG C 13 14.18 -2.32 -46.13
CA ARG C 13 12.94 -2.38 -46.90
C ARG C 13 11.76 -1.96 -46.05
N LYS C 14 11.47 -2.73 -44.99
CA LYS C 14 10.29 -2.44 -44.17
C LYS C 14 10.27 -0.98 -43.76
N LEU C 15 11.44 -0.41 -43.43
CA LEU C 15 11.49 0.99 -43.08
C LEU C 15 11.07 1.88 -44.24
N VAL C 16 11.52 1.57 -45.47
CA VAL C 16 11.21 2.46 -46.58
C VAL C 16 9.73 2.37 -46.93
N GLU C 17 9.13 1.17 -46.90
CA GLU C 17 7.68 1.11 -47.10
C GLU C 17 6.92 1.83 -45.99
N GLN C 18 7.37 1.71 -44.74
CA GLN C 18 6.71 2.44 -43.66
C GLN C 18 6.79 3.94 -43.90
N LEU C 19 7.96 4.43 -44.33
CA LEU C 19 8.12 5.85 -44.58
C LEU C 19 7.24 6.31 -45.75
N LYS C 20 7.16 5.53 -46.81
CA LYS C 20 6.29 5.91 -47.92
C LYS C 20 4.83 5.95 -47.49
N MET C 21 4.41 4.97 -46.69
CA MET C 21 3.04 4.98 -46.19
C MET C 21 2.78 6.20 -45.32
N GLU C 22 3.72 6.55 -44.44
CA GLU C 22 3.54 7.69 -43.57
C GLU C 22 3.49 9.00 -44.35
N ALA C 23 4.35 9.12 -45.37
CA ALA C 23 4.45 10.39 -46.10
C ALA C 23 3.14 10.74 -46.79
N ASN C 24 2.49 9.75 -47.40
CA ASN C 24 1.25 9.98 -48.14
C ASN C 24 0.06 10.07 -47.18
N ILE C 25 0.09 11.09 -46.33
CA ILE C 25 -0.97 11.35 -45.37
C ILE C 25 -1.37 12.81 -45.49
N ASP C 26 -2.68 13.06 -45.59
CA ASP C 26 -3.18 14.42 -45.66
C ASP C 26 -2.95 15.13 -44.33
N ARG C 27 -2.55 16.40 -44.41
CA ARG C 27 -2.27 17.21 -43.24
C ARG C 27 -2.98 18.56 -43.35
N ILE C 28 -3.39 19.08 -42.20
CA ILE C 28 -4.05 20.38 -42.13
C ILE C 28 -3.09 21.37 -41.46
N LYS C 29 -3.41 22.65 -41.61
CA LYS C 29 -2.59 23.70 -41.02
C LYS C 29 -2.66 23.64 -39.50
N VAL C 30 -1.54 24.01 -38.86
CA VAL C 30 -1.49 24.01 -37.40
C VAL C 30 -2.48 25.02 -36.83
N SER C 31 -2.68 26.14 -37.51
CA SER C 31 -3.61 27.15 -37.02
C SER C 31 -5.03 26.59 -36.93
N LYS C 32 -5.45 25.82 -37.94
CA LYS C 32 -6.79 25.23 -37.92
C LYS C 32 -6.93 24.25 -36.75
N ALA C 33 -5.92 23.43 -36.51
CA ALA C 33 -5.98 22.48 -35.41
C ALA C 33 -6.04 23.21 -34.07
N ALA C 34 -5.24 24.27 -33.92
CA ALA C 34 -5.27 25.05 -32.68
C ALA C 34 -6.64 25.69 -32.48
N ALA C 35 -7.23 26.23 -33.55
CA ALA C 35 -8.55 26.84 -33.44
C ALA C 35 -9.59 25.80 -33.05
N ASP C 36 -9.53 24.61 -33.64
CA ASP C 36 -10.48 23.56 -33.29
C ASP C 36 -10.32 23.15 -31.83
N LEU C 37 -9.08 23.00 -31.37
CA LEU C 37 -8.85 22.64 -29.97
C LEU C 37 -9.38 23.72 -29.03
N MET C 38 -9.14 24.99 -29.36
CA MET C 38 -9.65 26.08 -28.53
C MET C 38 -11.18 26.09 -28.51
N ALA C 39 -11.81 25.88 -29.67
CA ALA C 39 -13.26 25.84 -29.72
C ALA C 39 -13.81 24.71 -28.87
N TYR C 40 -13.19 23.53 -28.95
CA TYR C 40 -13.63 22.41 -28.12
C TYR C 40 -13.45 22.72 -26.64
N CYS C 41 -12.33 23.34 -26.27
CA CYS C 41 -12.09 23.65 -24.87
C CYS C 41 -13.12 24.63 -24.32
N GLU C 42 -13.42 25.69 -25.09
CA GLU C 42 -14.40 26.66 -24.61
C GLU C 42 -15.82 26.10 -24.64
N ALA C 43 -16.12 25.21 -25.59
CA ALA C 43 -17.48 24.67 -25.68
C ALA C 43 -17.85 23.88 -24.43
N HIS C 44 -16.92 23.07 -23.93
CA HIS C 44 -17.17 22.21 -22.78
C HIS C 44 -16.62 22.75 -21.48
N ALA C 45 -16.18 24.01 -21.46
CA ALA C 45 -15.60 24.58 -20.24
C ALA C 45 -16.65 24.73 -19.15
N LYS C 46 -17.92 24.87 -19.51
CA LYS C 46 -18.95 25.11 -18.51
C LYS C 46 -19.21 23.90 -17.63
N GLU C 47 -19.13 22.69 -18.19
CA GLU C 47 -19.44 21.46 -17.46
C GLU C 47 -18.18 20.70 -17.04
N ASP C 48 -17.13 21.43 -16.66
CA ASP C 48 -15.90 20.81 -16.15
C ASP C 48 -15.77 21.10 -14.66
N PRO C 49 -16.08 20.14 -13.78
CA PRO C 49 -15.99 20.43 -12.34
C PRO C 49 -14.62 20.88 -11.89
N LEU C 50 -13.55 20.30 -12.45
CA LEU C 50 -12.21 20.70 -12.02
C LEU C 50 -11.92 22.15 -12.38
N LEU C 51 -12.29 22.57 -13.60
CA LEU C 51 -12.07 23.96 -13.99
C LEU C 51 -13.05 24.89 -13.29
N THR C 52 -14.29 24.47 -13.10
CA THR C 52 -15.33 25.26 -12.43
C THR C 52 -15.88 24.44 -11.27
N PRO C 53 -15.33 24.60 -10.07
CA PRO C 53 -15.81 23.79 -8.94
C PRO C 53 -17.29 23.98 -8.70
N VAL C 54 -17.96 22.88 -8.37
CA VAL C 54 -19.40 22.88 -8.13
C VAL C 54 -19.65 23.15 -6.65
N PRO C 55 -20.82 23.64 -6.26
CA PRO C 55 -21.09 23.88 -4.84
C PRO C 55 -21.19 22.58 -4.06
N ALA C 56 -21.12 22.71 -2.74
CA ALA C 56 -21.19 21.53 -1.88
C ALA C 56 -22.47 20.75 -2.08
N SER C 57 -23.55 21.42 -2.50
CA SER C 57 -24.81 20.72 -2.72
C SER C 57 -24.70 19.70 -3.84
N GLU C 58 -23.73 19.86 -4.75
CA GLU C 58 -23.54 18.93 -5.85
C GLU C 58 -22.27 18.11 -5.76
N ASN C 59 -21.34 18.49 -4.90
CA ASN C 59 -20.08 17.77 -4.79
C ASN C 59 -20.31 16.42 -4.11
N PRO C 60 -19.94 15.30 -4.73
CA PRO C 60 -20.12 14.00 -4.07
C PRO C 60 -19.03 13.65 -3.08
N PHE C 61 -17.92 14.39 -3.05
CA PHE C 61 -16.81 14.14 -2.14
C PHE C 61 -16.83 15.24 -1.07
N ARG C 62 -17.37 14.90 0.10
CA ARG C 62 -17.48 15.85 1.21
C ARG C 62 -17.34 15.08 2.52
N GLU C 63 -17.52 15.81 3.62
CA GLU C 63 -17.45 15.18 4.94
C GLU C 63 -18.52 14.11 5.07
N LYS C 64 -18.14 12.96 5.62
CA LYS C 64 -19.07 11.86 5.80
C LYS C 64 -20.04 12.14 6.96
N VAL D 2 -23.93 -23.96 -6.46
CA VAL D 2 -24.52 -23.35 -5.24
C VAL D 2 -25.75 -24.14 -4.81
N GLN D 3 -25.69 -24.74 -3.63
CA GLN D 3 -26.80 -25.53 -3.12
C GLN D 3 -26.86 -25.37 -1.60
N LEU D 4 -28.08 -25.27 -1.08
CA LEU D 4 -28.33 -25.19 0.35
C LEU D 4 -29.33 -26.28 0.73
N VAL D 5 -28.95 -27.14 1.66
CA VAL D 5 -29.77 -28.27 2.08
C VAL D 5 -29.98 -28.15 3.58
N GLU D 6 -31.20 -27.83 4.00
CA GLU D 6 -31.54 -27.77 5.41
C GLU D 6 -31.73 -29.18 5.97
N SER D 7 -31.51 -29.31 7.27
CA SER D 7 -31.64 -30.59 7.96
C SER D 7 -32.42 -30.39 9.25
N GLY D 8 -33.03 -31.47 9.73
CA GLY D 8 -33.81 -31.44 10.95
C GLY D 8 -35.27 -31.10 10.70
N GLY D 9 -36.06 -31.23 11.76
CA GLY D 9 -37.48 -30.97 11.68
C GLY D 9 -38.30 -32.06 12.34
N GLY D 10 -39.48 -32.34 11.78
CA GLY D 10 -40.34 -33.37 12.31
C GLY D 10 -41.19 -32.88 13.46
N LEU D 11 -41.96 -33.81 14.02
CA LEU D 11 -42.85 -33.48 15.13
C LEU D 11 -42.04 -33.22 16.40
N VAL D 12 -42.33 -32.10 17.06
CA VAL D 12 -41.67 -31.73 18.30
C VAL D 12 -42.72 -31.18 19.25
N GLN D 13 -42.66 -31.59 20.51
CA GLN D 13 -43.60 -31.11 21.51
C GLN D 13 -43.27 -29.67 21.90
N PRO D 14 -44.28 -28.92 22.38
CA PRO D 14 -44.00 -27.53 22.79
C PRO D 14 -42.94 -27.42 23.88
N GLY D 15 -42.85 -28.41 24.78
CA GLY D 15 -41.90 -28.35 25.86
C GLY D 15 -40.54 -28.93 25.50
N GLY D 16 -40.34 -29.25 24.22
CA GLY D 16 -39.11 -29.81 23.74
C GLY D 16 -38.21 -28.77 23.06
N SER D 17 -37.21 -29.28 22.36
CA SER D 17 -36.27 -28.43 21.66
C SER D 17 -35.81 -29.13 20.38
N ARG D 18 -35.37 -28.33 19.41
CA ARG D 18 -34.89 -28.85 18.15
C ARG D 18 -33.77 -27.96 17.64
N LYS D 19 -32.87 -28.54 16.86
CA LYS D 19 -31.73 -27.83 16.29
C LYS D 19 -31.73 -28.05 14.78
N LEU D 20 -31.98 -26.98 14.03
CA LEU D 20 -31.98 -27.03 12.58
C LEU D 20 -30.58 -26.77 12.05
N SER D 21 -30.15 -27.58 11.09
CA SER D 21 -28.83 -27.49 10.51
C SER D 21 -28.94 -27.43 8.98
N CYS D 22 -28.13 -26.58 8.37
CA CYS D 22 -28.08 -26.43 6.91
C CYS D 22 -26.66 -26.56 6.43
N SER D 23 -26.46 -27.27 5.32
CA SER D 23 -25.15 -27.48 4.73
C SER D 23 -25.03 -26.65 3.47
N ALA D 24 -23.92 -25.92 3.36
CA ALA D 24 -23.65 -25.04 2.22
C ALA D 24 -22.47 -25.57 1.42
N SER D 25 -22.59 -25.52 0.09
CA SER D 25 -21.53 -25.98 -0.78
C SER D 25 -21.64 -25.25 -2.12
N GLY D 26 -20.54 -25.26 -2.87
CA GLY D 26 -20.51 -24.63 -4.17
C GLY D 26 -20.25 -23.15 -4.18
N PHE D 27 -19.99 -22.55 -3.01
CA PHE D 27 -19.72 -21.12 -2.94
C PHE D 27 -18.97 -20.83 -1.65
N ALA D 28 -18.39 -19.64 -1.58
CA ALA D 28 -17.61 -19.21 -0.41
C ALA D 28 -18.59 -18.87 0.71
N PHE D 29 -18.94 -19.89 1.49
CA PHE D 29 -19.88 -19.70 2.58
C PHE D 29 -19.36 -18.72 3.62
N SER D 30 -18.04 -18.65 3.79
CA SER D 30 -17.48 -17.79 4.83
C SER D 30 -17.81 -16.32 4.58
N SER D 31 -17.75 -15.89 3.33
CA SER D 31 -17.92 -14.48 2.97
C SER D 31 -19.38 -14.09 2.78
N PHE D 32 -20.32 -15.02 2.94
CA PHE D 32 -21.73 -14.76 2.71
C PHE D 32 -22.49 -14.75 4.04
N GLY D 33 -23.30 -13.71 4.24
CA GLY D 33 -24.21 -13.70 5.36
C GLY D 33 -25.37 -14.66 5.14
N MET D 34 -26.02 -15.03 6.24
CA MET D 34 -27.08 -16.04 6.20
C MET D 34 -28.31 -15.52 6.94
N HIS D 35 -29.48 -15.91 6.44
CA HIS D 35 -30.76 -15.54 7.02
C HIS D 35 -31.64 -16.77 7.13
N TRP D 36 -32.57 -16.74 8.08
CA TRP D 36 -33.58 -17.77 8.25
C TRP D 36 -34.96 -17.15 8.06
N VAL D 37 -35.78 -17.76 7.20
CA VAL D 37 -37.09 -17.24 6.85
C VAL D 37 -38.14 -18.29 7.18
N ARG D 38 -39.23 -17.86 7.80
CA ARG D 38 -40.34 -18.73 8.18
C ARG D 38 -41.53 -18.49 7.27
N GLN D 39 -42.15 -19.58 6.82
CA GLN D 39 -43.36 -19.52 6.00
C GLN D 39 -44.31 -20.61 6.52
N ALA D 40 -45.17 -20.22 7.46
CA ALA D 40 -46.14 -21.16 7.98
C ALA D 40 -47.16 -21.51 6.90
N PRO D 41 -47.83 -22.66 7.02
CA PRO D 41 -48.76 -23.08 5.97
C PRO D 41 -49.81 -22.01 5.70
N GLU D 42 -50.03 -21.73 4.42
CA GLU D 42 -50.98 -20.71 3.95
C GLU D 42 -50.77 -19.37 4.65
N LYS D 43 -49.56 -19.08 5.12
CA LYS D 43 -49.16 -17.76 5.58
C LYS D 43 -47.95 -17.29 4.79
N GLY D 44 -47.60 -16.01 4.97
CA GLY D 44 -46.52 -15.40 4.25
C GLY D 44 -45.16 -15.63 4.90
N LEU D 45 -44.15 -15.01 4.31
CA LEU D 45 -42.78 -15.14 4.77
C LEU D 45 -42.56 -14.31 6.03
N GLU D 46 -41.55 -14.69 6.80
CA GLU D 46 -41.19 -13.98 8.02
C GLU D 46 -39.71 -14.20 8.32
N TRP D 47 -39.02 -13.12 8.66
CA TRP D 47 -37.59 -13.17 8.96
C TRP D 47 -37.35 -13.55 10.41
N VAL D 48 -36.25 -14.25 10.66
CA VAL D 48 -35.94 -14.74 12.00
C VAL D 48 -34.68 -14.10 12.54
N ALA D 49 -33.55 -14.33 11.86
CA ALA D 49 -32.26 -13.91 12.37
C ALA D 49 -31.29 -13.76 11.20
N TYR D 50 -30.15 -13.15 11.48
CA TYR D 50 -29.13 -12.89 10.47
C TYR D 50 -27.76 -12.90 11.14
N ILE D 51 -26.76 -13.42 10.43
CA ILE D 51 -25.38 -13.42 10.88
C ILE D 51 -24.52 -12.77 9.80
N SER D 52 -23.73 -11.78 10.19
CA SER D 52 -22.82 -11.14 9.27
C SER D 52 -21.58 -12.00 9.08
N SER D 53 -20.82 -11.69 8.03
CA SER D 53 -19.59 -12.43 7.76
C SER D 53 -18.64 -12.30 8.95
N GLY D 54 -18.07 -13.43 9.37
CA GLY D 54 -17.23 -13.46 10.54
C GLY D 54 -17.96 -13.56 11.86
N SER D 55 -19.29 -13.66 11.84
CA SER D 55 -20.09 -13.77 13.06
C SER D 55 -19.93 -12.53 13.95
N GLY D 56 -19.63 -11.39 13.33
CA GLY D 56 -19.44 -10.17 14.10
C GLY D 56 -20.74 -9.52 14.53
N THR D 57 -21.82 -9.74 13.79
CA THR D 57 -23.11 -9.13 14.09
C THR D 57 -24.20 -10.17 14.01
N ILE D 58 -25.17 -10.08 14.91
CA ILE D 58 -26.30 -11.00 14.97
C ILE D 58 -27.56 -10.21 15.31
N TYR D 59 -28.67 -10.57 14.68
CA TYR D 59 -29.97 -9.99 14.96
C TYR D 59 -31.00 -11.08 15.13
N TYR D 60 -32.05 -10.76 15.91
CA TYR D 60 -33.14 -11.69 16.16
C TYR D 60 -34.47 -10.95 16.04
N ALA D 61 -35.51 -11.70 15.69
CA ALA D 61 -36.85 -11.14 15.64
C ALA D 61 -37.42 -11.03 17.05
N ASP D 62 -38.35 -10.09 17.22
CA ASP D 62 -38.95 -9.87 18.53
C ASP D 62 -39.69 -11.12 19.01
N THR D 63 -40.30 -11.87 18.10
CA THR D 63 -41.05 -13.06 18.47
C THR D 63 -40.17 -14.26 18.76
N VAL D 64 -38.87 -14.20 18.43
CA VAL D 64 -37.96 -15.31 18.65
C VAL D 64 -36.74 -14.92 19.47
N LYS D 65 -36.62 -13.65 19.87
CA LYS D 65 -35.46 -13.24 20.64
C LYS D 65 -35.38 -14.01 21.96
N GLY D 66 -34.19 -14.48 22.28
CA GLY D 66 -33.97 -15.26 23.49
C GLY D 66 -34.25 -16.74 23.34
N ARG D 67 -35.41 -17.08 22.77
CA ARG D 67 -35.75 -18.49 22.58
C ARG D 67 -34.78 -19.17 21.63
N PHE D 68 -34.42 -18.50 20.54
CA PHE D 68 -33.59 -19.09 19.50
C PHE D 68 -32.16 -18.57 19.62
N THR D 69 -31.20 -19.50 19.60
CA THR D 69 -29.78 -19.18 19.60
C THR D 69 -29.20 -19.67 18.27
N ILE D 70 -28.73 -18.72 17.46
CA ILE D 70 -28.24 -19.01 16.12
C ILE D 70 -26.72 -18.93 16.13
N SER D 71 -26.07 -19.93 15.52
CA SER D 71 -24.63 -20.02 15.48
C SER D 71 -24.17 -20.32 14.06
N ARG D 72 -22.87 -20.15 13.82
CA ARG D 72 -22.28 -20.36 12.52
C ARG D 72 -20.96 -21.12 12.68
N ASP D 73 -20.61 -21.90 11.67
CA ASP D 73 -19.37 -22.68 11.66
C ASP D 73 -18.81 -22.63 10.24
N ASP D 74 -17.92 -21.66 9.99
CA ASP D 74 -17.34 -21.50 8.66
C ASP D 74 -16.54 -22.71 8.21
N PRO D 75 -15.65 -23.28 9.03
CA PRO D 75 -14.82 -24.39 8.53
C PRO D 75 -15.63 -25.52 7.91
N LYS D 76 -16.77 -25.88 8.49
CA LYS D 76 -17.60 -26.96 7.98
C LYS D 76 -18.68 -26.48 7.03
N ASN D 77 -18.76 -25.18 6.75
CA ASN D 77 -19.78 -24.63 5.85
C ASN D 77 -21.18 -25.05 6.29
N THR D 78 -21.41 -25.00 7.61
CA THR D 78 -22.68 -25.41 8.19
C THR D 78 -23.25 -24.28 9.04
N LEU D 79 -24.57 -24.14 9.02
CA LEU D 79 -25.29 -23.14 9.79
C LEU D 79 -26.29 -23.84 10.69
N PHE D 80 -26.42 -23.35 11.92
CA PHE D 80 -27.26 -23.97 12.93
C PHE D 80 -28.24 -22.97 13.51
N LEU D 81 -29.39 -23.48 13.94
CA LEU D 81 -30.43 -22.68 14.58
C LEU D 81 -30.93 -23.46 15.79
N GLN D 82 -30.45 -23.11 16.98
CA GLN D 82 -30.81 -23.78 18.21
C GLN D 82 -32.11 -23.18 18.75
N MET D 83 -33.18 -23.98 18.73
CA MET D 83 -34.49 -23.55 19.22
C MET D 83 -34.71 -24.17 20.59
N THR D 84 -34.38 -23.41 21.64
CA THR D 84 -34.49 -23.93 23.00
C THR D 84 -35.95 -24.17 23.37
N SER D 85 -36.84 -23.23 23.04
CA SER D 85 -38.24 -23.33 23.39
C SER D 85 -39.08 -23.19 22.13
N LEU D 86 -40.05 -24.08 21.97
CA LEU D 86 -40.95 -24.08 20.82
C LEU D 86 -42.38 -23.87 21.28
N ARG D 87 -43.16 -23.21 20.44
CA ARG D 87 -44.58 -22.96 20.70
C ARG D 87 -45.38 -23.37 19.47
N SER D 88 -46.70 -23.18 19.55
CA SER D 88 -47.59 -23.59 18.47
C SER D 88 -47.35 -22.81 17.19
N GLU D 89 -47.03 -21.51 17.30
CA GLU D 89 -46.82 -20.69 16.11
C GLU D 89 -45.50 -20.97 15.42
N ASP D 90 -44.62 -21.78 16.02
CA ASP D 90 -43.35 -22.12 15.39
C ASP D 90 -43.49 -23.18 14.31
N THR D 91 -44.67 -23.76 14.14
CA THR D 91 -44.91 -24.76 13.10
C THR D 91 -44.91 -24.06 11.74
N ALA D 92 -43.80 -24.16 11.03
CA ALA D 92 -43.64 -23.49 9.75
C ALA D 92 -42.42 -24.07 9.04
N MET D 93 -42.32 -23.79 7.75
CA MET D 93 -41.17 -24.22 6.95
C MET D 93 -40.09 -23.15 7.02
N TYR D 94 -38.86 -23.57 7.28
CA TYR D 94 -37.74 -22.68 7.48
C TYR D 94 -36.83 -22.73 6.25
N TYR D 95 -36.51 -21.54 5.71
CA TYR D 95 -35.64 -21.41 4.55
C TYR D 95 -34.34 -20.73 4.95
N CYS D 96 -33.24 -21.17 4.35
CA CYS D 96 -31.94 -20.54 4.53
C CYS D 96 -31.59 -19.74 3.29
N VAL D 97 -31.20 -18.49 3.47
CA VAL D 97 -30.99 -17.55 2.37
C VAL D 97 -29.60 -16.96 2.46
N ARG D 98 -28.91 -16.89 1.33
CA ARG D 98 -27.61 -16.24 1.26
C ARG D 98 -27.76 -14.72 1.37
N SER D 99 -26.64 -14.06 1.68
CA SER D 99 -26.61 -12.61 1.70
C SER D 99 -25.19 -12.08 1.71
N ILE D 100 -24.86 -11.22 0.74
CA ILE D 100 -23.56 -10.57 0.66
C ILE D 100 -23.82 -9.08 0.46
N TYR D 101 -23.12 -8.25 1.23
CA TYR D 101 -23.36 -6.81 1.29
C TYR D 101 -22.12 -6.06 0.83
N TYR D 102 -22.17 -5.53 -0.39
CA TYR D 102 -21.15 -4.62 -0.89
C TYR D 102 -21.77 -3.83 -2.04
N TYR D 103 -21.09 -2.76 -2.42
CA TYR D 103 -21.61 -1.89 -3.47
C TYR D 103 -21.89 -2.68 -4.73
N GLY D 104 -23.13 -2.62 -5.20
CA GLY D 104 -23.56 -3.37 -6.36
C GLY D 104 -23.97 -4.79 -6.08
N SER D 105 -23.92 -5.24 -4.83
CA SER D 105 -24.29 -6.60 -4.50
C SER D 105 -25.80 -6.79 -4.58
N SER D 106 -26.22 -8.06 -4.64
CA SER D 106 -27.62 -8.44 -4.71
C SER D 106 -27.91 -9.46 -3.61
N PRO D 107 -28.16 -9.01 -2.40
CA PRO D 107 -28.42 -9.96 -1.30
C PRO D 107 -29.75 -10.69 -1.50
N PHE D 108 -29.91 -11.77 -0.74
CA PHE D 108 -31.09 -12.63 -0.84
C PHE D 108 -31.26 -13.20 -2.25
N ASP D 109 -30.14 -13.42 -2.94
CA ASP D 109 -30.20 -13.91 -4.31
C ASP D 109 -30.52 -15.40 -4.38
N PHE D 110 -30.05 -16.18 -3.42
CA PHE D 110 -30.23 -17.63 -3.41
C PHE D 110 -30.99 -18.06 -2.17
N TRP D 111 -31.97 -18.94 -2.36
CA TRP D 111 -32.77 -19.47 -1.27
C TRP D 111 -32.68 -20.98 -1.26
N GLY D 112 -32.56 -21.56 -0.06
CA GLY D 112 -32.48 -23.00 0.06
C GLY D 112 -33.83 -23.68 -0.07
N GLN D 113 -33.78 -25.01 -0.19
CA GLN D 113 -35.02 -25.77 -0.31
C GLN D 113 -35.89 -25.63 0.94
N GLY D 114 -35.29 -25.67 2.11
CA GLY D 114 -36.00 -25.49 3.35
C GLY D 114 -36.44 -26.80 3.98
N THR D 115 -36.71 -26.74 5.28
CA THR D 115 -37.16 -27.89 6.05
C THR D 115 -38.44 -27.53 6.79
N THR D 116 -39.28 -28.54 7.01
CA THR D 116 -40.60 -28.36 7.62
C THR D 116 -40.53 -28.79 9.09
N LEU D 117 -40.93 -27.91 9.98
CA LEU D 117 -41.02 -28.20 11.41
C LEU D 117 -42.48 -28.08 11.83
N THR D 118 -42.98 -29.11 12.50
CA THR D 118 -44.36 -29.15 12.98
C THR D 118 -44.35 -29.31 14.49
N VAL D 119 -45.11 -28.47 15.19
CA VAL D 119 -45.21 -28.49 16.64
C VAL D 119 -46.60 -28.96 17.00
N SER D 120 -46.69 -30.02 17.79
CA SER D 120 -47.96 -30.59 18.21
C SER D 120 -48.65 -29.69 19.23
N SER D 136 -41.24 1.80 15.26
CA SER D 136 -41.56 0.37 15.27
C SER D 136 -41.28 -0.26 13.92
N ASP D 137 -41.72 -1.50 13.74
CA ASP D 137 -41.47 -2.21 12.50
C ASP D 137 -42.22 -1.53 11.35
N ILE D 138 -41.60 -1.54 10.17
CA ILE D 138 -42.23 -0.98 8.97
C ILE D 138 -43.24 -1.98 8.44
N VAL D 139 -44.47 -1.53 8.23
CA VAL D 139 -45.55 -2.40 7.79
C VAL D 139 -45.56 -2.43 6.26
N MET D 140 -45.52 -3.63 5.70
CA MET D 140 -45.60 -3.84 4.26
C MET D 140 -46.95 -4.45 3.92
N THR D 141 -47.67 -3.85 2.97
CA THR D 141 -49.02 -4.25 2.63
C THR D 141 -49.17 -4.36 1.12
N GLN D 142 -50.01 -5.30 0.70
CA GLN D 142 -50.39 -5.48 -0.70
C GLN D 142 -51.90 -5.56 -0.77
N ALA D 143 -52.53 -4.57 -1.39
CA ALA D 143 -53.99 -4.52 -1.44
C ALA D 143 -54.54 -5.72 -2.21
N THR D 144 -53.91 -6.08 -3.33
CA THR D 144 -54.40 -7.16 -4.16
C THR D 144 -53.91 -8.50 -3.61
N SER D 145 -54.83 -9.44 -3.42
CA SER D 145 -54.50 -10.77 -2.94
C SER D 145 -54.40 -11.77 -4.09
N SER D 146 -55.41 -11.82 -4.96
CA SER D 146 -55.41 -12.69 -6.12
C SER D 146 -55.75 -11.86 -7.35
N VAL D 147 -55.00 -12.11 -8.43
CA VAL D 147 -55.16 -11.38 -9.67
C VAL D 147 -55.29 -12.37 -10.83
N PRO D 148 -56.50 -12.88 -11.10
CA PRO D 148 -56.66 -13.79 -12.24
C PRO D 148 -56.28 -13.11 -13.54
N VAL D 149 -55.62 -13.86 -14.43
CA VAL D 149 -55.10 -13.31 -15.67
C VAL D 149 -54.75 -14.46 -16.61
N THR D 150 -54.95 -14.23 -17.90
CA THR D 150 -54.59 -15.20 -18.92
C THR D 150 -53.16 -14.98 -19.37
N PRO D 151 -52.51 -16.01 -19.92
CA PRO D 151 -51.12 -15.83 -20.38
C PRO D 151 -51.02 -14.78 -21.47
N GLY D 152 -49.91 -14.05 -21.46
CA GLY D 152 -49.64 -13.05 -22.48
C GLY D 152 -49.95 -11.64 -22.04
N GLU D 153 -51.05 -11.45 -21.32
CA GLU D 153 -51.46 -10.12 -20.90
C GLU D 153 -50.52 -9.60 -19.82
N SER D 154 -50.29 -8.29 -19.84
CA SER D 154 -49.44 -7.65 -18.85
C SER D 154 -50.11 -7.67 -17.48
N VAL D 155 -49.28 -7.77 -16.44
CA VAL D 155 -49.76 -7.84 -15.05
C VAL D 155 -48.97 -6.84 -14.23
N SER D 156 -49.66 -6.13 -13.34
CA SER D 156 -49.04 -5.15 -12.46
C SER D 156 -49.40 -5.47 -11.01
N ILE D 157 -48.39 -5.45 -10.14
CA ILE D 157 -48.55 -5.71 -8.72
C ILE D 157 -47.96 -4.55 -7.95
N SER D 158 -48.71 -4.02 -6.99
CA SER D 158 -48.31 -2.86 -6.22
C SER D 158 -48.05 -3.22 -4.76
N CYS D 159 -47.03 -2.59 -4.18
CA CYS D 159 -46.70 -2.76 -2.76
C CYS D 159 -46.51 -1.39 -2.14
N ARG D 160 -46.87 -1.28 -0.86
CA ARG D 160 -46.79 -0.02 -0.14
C ARG D 160 -46.17 -0.27 1.23
N SER D 161 -45.53 0.77 1.76
CA SER D 161 -44.87 0.70 3.06
C SER D 161 -45.31 1.88 3.92
N SER D 162 -45.33 1.66 5.24
CA SER D 162 -45.72 2.69 6.18
C SER D 162 -44.66 3.77 6.35
N LYS D 163 -43.41 3.49 5.96
CA LYS D 163 -42.34 4.47 6.07
C LYS D 163 -41.58 4.51 4.75
N SER D 164 -41.08 5.69 4.42
CA SER D 164 -40.33 5.87 3.18
C SER D 164 -39.06 5.03 3.21
N LEU D 165 -38.81 4.30 2.13
CA LEU D 165 -37.62 3.46 2.00
C LEU D 165 -36.46 4.17 1.32
N LEU D 166 -36.65 5.43 0.92
CA LEU D 166 -35.60 6.18 0.23
C LEU D 166 -34.63 6.74 1.27
N HIS D 167 -33.49 6.07 1.44
CA HIS D 167 -32.47 6.54 2.36
C HIS D 167 -31.72 7.73 1.77
N SER D 168 -31.04 8.47 2.65
CA SER D 168 -30.35 9.68 2.22
C SER D 168 -29.25 9.39 1.19
N ASN D 169 -28.73 8.16 1.16
CA ASN D 169 -27.68 7.82 0.21
C ASN D 169 -28.16 7.95 -1.24
N GLY D 170 -29.46 7.85 -1.49
CA GLY D 170 -30.01 8.03 -2.81
C GLY D 170 -30.61 6.81 -3.46
N ASN D 171 -30.75 5.70 -2.74
CA ASN D 171 -31.36 4.49 -3.27
C ASN D 171 -32.38 3.95 -2.29
N THR D 172 -33.44 3.35 -2.83
CA THR D 172 -34.50 2.76 -2.02
C THR D 172 -34.19 1.30 -1.74
N TYR D 173 -34.45 0.87 -0.51
CA TYR D 173 -34.17 -0.51 -0.08
C TYR D 173 -35.44 -1.33 -0.17
N LEU D 174 -35.74 -1.79 -1.38
CA LEU D 174 -36.90 -2.62 -1.64
C LEU D 174 -36.49 -3.83 -2.46
N TYR D 175 -37.08 -4.98 -2.14
CA TYR D 175 -36.78 -6.23 -2.81
C TYR D 175 -38.08 -6.92 -3.21
N TRP D 176 -38.03 -7.62 -4.34
CA TRP D 176 -39.17 -8.37 -4.85
C TRP D 176 -38.80 -9.84 -4.97
N PHE D 177 -39.70 -10.72 -4.52
CA PHE D 177 -39.47 -12.15 -4.55
C PHE D 177 -40.68 -12.85 -5.14
N LEU D 178 -40.42 -13.95 -5.84
CA LEU D 178 -41.45 -14.78 -6.44
C LEU D 178 -41.30 -16.21 -5.95
N GLN D 179 -42.40 -16.81 -5.49
CA GLN D 179 -42.40 -18.17 -4.99
C GLN D 179 -43.36 -19.00 -5.85
N ARG D 180 -42.81 -19.86 -6.69
CA ARG D 180 -43.62 -20.71 -7.54
C ARG D 180 -44.19 -21.87 -6.73
N PRO D 181 -45.27 -22.49 -7.21
CA PRO D 181 -45.86 -23.61 -6.48
C PRO D 181 -44.84 -24.72 -6.24
N GLY D 182 -44.64 -25.07 -4.98
CA GLY D 182 -43.70 -26.11 -4.63
C GLY D 182 -42.25 -25.74 -4.79
N GLN D 183 -41.94 -24.44 -4.82
CA GLN D 183 -40.57 -23.98 -4.98
C GLN D 183 -40.30 -22.86 -3.99
N SER D 184 -39.04 -22.68 -3.65
CA SER D 184 -38.62 -21.64 -2.73
C SER D 184 -38.68 -20.27 -3.39
N PRO D 185 -38.76 -19.20 -2.61
CA PRO D 185 -38.79 -17.86 -3.20
C PRO D 185 -37.54 -17.57 -4.01
N GLN D 186 -37.71 -16.83 -5.10
CA GLN D 186 -36.63 -16.46 -6.00
C GLN D 186 -36.56 -14.95 -6.13
N LEU D 187 -35.36 -14.39 -5.98
CA LEU D 187 -35.18 -12.95 -6.10
C LEU D 187 -35.41 -12.51 -7.54
N LEU D 188 -36.10 -11.38 -7.70
CA LEU D 188 -36.37 -10.80 -9.02
C LEU D 188 -35.74 -9.43 -9.20
N ILE D 189 -35.96 -8.52 -8.26
CA ILE D 189 -35.48 -7.14 -8.37
C ILE D 189 -34.97 -6.69 -7.01
N TYR D 190 -33.94 -5.85 -7.03
CA TYR D 190 -33.31 -5.38 -5.80
C TYR D 190 -32.92 -3.92 -5.92
N ARG D 191 -33.42 -3.10 -5.01
CA ARG D 191 -32.98 -1.72 -4.79
C ARG D 191 -32.88 -0.92 -6.10
N MET D 192 -34.03 -0.68 -6.75
CA MET D 192 -35.33 -1.29 -6.46
C MET D 192 -35.97 -1.67 -7.79
N SER D 193 -35.23 -1.45 -8.88
CA SER D 193 -35.63 -1.84 -10.22
C SER D 193 -34.59 -2.67 -10.94
N ASN D 194 -33.38 -2.81 -10.38
CA ASN D 194 -32.34 -3.60 -11.02
C ASN D 194 -32.77 -5.05 -11.17
N LEU D 195 -32.48 -5.63 -12.32
CA LEU D 195 -32.86 -7.00 -12.61
C LEU D 195 -31.85 -7.96 -12.01
N ALA D 196 -32.33 -8.95 -11.26
CA ALA D 196 -31.45 -9.95 -10.68
C ALA D 196 -30.86 -10.84 -11.76
N SER D 197 -29.68 -11.40 -11.46
CA SER D 197 -28.98 -12.23 -12.43
C SER D 197 -29.83 -13.45 -12.81
N GLY D 198 -29.92 -13.71 -14.11
CA GLY D 198 -30.64 -14.85 -14.63
C GLY D 198 -32.10 -14.62 -14.91
N VAL D 199 -32.68 -13.55 -14.37
CA VAL D 199 -34.10 -13.27 -14.60
C VAL D 199 -34.26 -12.65 -15.98
N PRO D 200 -35.34 -12.94 -16.70
CA PRO D 200 -35.56 -12.28 -17.99
C PRO D 200 -35.84 -10.79 -17.80
N ASP D 201 -35.64 -10.03 -18.88
CA ASP D 201 -35.90 -8.60 -18.86
C ASP D 201 -37.39 -8.29 -18.78
N ARG D 202 -38.21 -9.34 -18.80
CA ARG D 202 -39.66 -9.18 -18.71
C ARG D 202 -40.09 -8.46 -17.44
N PHE D 203 -39.29 -8.52 -16.38
CA PHE D 203 -39.66 -7.95 -15.10
C PHE D 203 -39.06 -6.55 -14.95
N SER D 204 -39.89 -5.59 -14.56
CA SER D 204 -39.46 -4.22 -14.34
C SER D 204 -40.11 -3.68 -13.08
N GLY D 205 -39.40 -2.81 -12.39
CA GLY D 205 -39.90 -2.23 -11.15
C GLY D 205 -39.80 -0.72 -11.17
N SER D 206 -40.69 -0.10 -10.40
CA SER D 206 -40.73 1.36 -10.30
C SER D 206 -41.41 1.75 -8.98
N GLY D 207 -41.19 2.99 -8.58
CA GLY D 207 -41.77 3.50 -7.36
C GLY D 207 -41.09 4.79 -6.95
N SER D 208 -41.62 5.36 -5.87
CA SER D 208 -41.07 6.61 -5.34
C SER D 208 -41.48 6.75 -3.88
N GLY D 209 -40.52 6.63 -2.97
CA GLY D 209 -40.75 6.89 -1.56
C GLY D 209 -41.48 5.78 -0.83
N THR D 210 -42.78 5.64 -1.11
CA THR D 210 -43.61 4.65 -0.42
C THR D 210 -44.51 3.85 -1.34
N ALA D 211 -44.66 4.25 -2.61
CA ALA D 211 -45.48 3.54 -3.58
C ALA D 211 -44.59 2.87 -4.60
N PHE D 212 -44.75 1.56 -4.76
CA PHE D 212 -43.95 0.78 -5.68
C PHE D 212 -44.86 -0.18 -6.45
N THR D 213 -44.44 -0.50 -7.68
CA THR D 213 -45.22 -1.38 -8.54
C THR D 213 -44.28 -2.28 -9.33
N LEU D 214 -44.67 -3.55 -9.45
CA LEU D 214 -43.95 -4.52 -10.25
C LEU D 214 -44.80 -4.88 -11.47
N THR D 215 -44.21 -4.77 -12.65
CA THR D 215 -44.94 -4.96 -13.90
C THR D 215 -44.27 -6.05 -14.74
N ILE D 216 -45.10 -6.80 -15.46
CA ILE D 216 -44.64 -7.85 -16.37
C ILE D 216 -45.13 -7.48 -17.76
N SER D 217 -44.20 -7.38 -18.71
CA SER D 217 -44.57 -6.93 -20.06
C SER D 217 -45.56 -7.89 -20.70
N ARG D 218 -45.24 -9.18 -20.73
CA ARG D 218 -46.12 -10.20 -21.28
C ARG D 218 -46.02 -11.43 -20.37
N LEU D 219 -47.16 -11.89 -19.87
CA LEU D 219 -47.19 -12.97 -18.90
C LEU D 219 -47.04 -14.32 -19.58
N GLU D 220 -46.39 -15.25 -18.89
CA GLU D 220 -46.20 -16.61 -19.37
C GLU D 220 -46.55 -17.58 -18.25
N ALA D 221 -46.65 -18.87 -18.61
CA ALA D 221 -47.02 -19.87 -17.62
C ALA D 221 -46.02 -19.95 -16.47
N GLU D 222 -44.76 -19.62 -16.73
CA GLU D 222 -43.73 -19.68 -15.70
C GLU D 222 -43.85 -18.56 -14.67
N ASP D 223 -44.70 -17.57 -14.91
CA ASP D 223 -44.89 -16.46 -13.99
C ASP D 223 -45.91 -16.74 -12.90
N VAL D 224 -46.56 -17.91 -12.94
CA VAL D 224 -47.57 -18.24 -11.94
C VAL D 224 -46.88 -18.41 -10.58
N GLY D 225 -47.43 -17.75 -9.56
CA GLY D 225 -46.87 -17.82 -8.23
C GLY D 225 -47.36 -16.68 -7.38
N VAL D 226 -46.66 -16.48 -6.26
CA VAL D 226 -46.98 -15.43 -5.30
C VAL D 226 -45.80 -14.47 -5.23
N TYR D 227 -46.10 -13.18 -5.26
CA TYR D 227 -45.08 -12.13 -5.23
C TYR D 227 -45.06 -11.47 -3.87
N TYR D 228 -43.88 -11.33 -3.29
CA TYR D 228 -43.68 -10.72 -1.98
C TYR D 228 -42.75 -9.53 -2.12
N CYS D 229 -43.10 -8.42 -1.47
CA CYS D 229 -42.26 -7.23 -1.42
C CYS D 229 -41.64 -7.12 -0.04
N MET D 230 -40.31 -6.97 -0.01
CA MET D 230 -39.55 -6.93 1.24
C MET D 230 -38.73 -5.66 1.31
N GLN D 231 -38.68 -5.06 2.50
CA GLN D 231 -37.88 -3.87 2.76
C GLN D 231 -36.62 -4.24 3.52
N HIS D 232 -35.51 -3.60 3.17
CA HIS D 232 -34.22 -3.85 3.79
C HIS D 232 -33.62 -2.57 4.36
N LEU D 233 -34.47 -1.67 4.85
CA LEU D 233 -33.99 -0.39 5.38
C LEU D 233 -33.55 -0.53 6.83
N GLU D 234 -34.40 -1.11 7.68
CA GLU D 234 -34.12 -1.23 9.11
C GLU D 234 -34.59 -2.58 9.61
N TYR D 235 -33.78 -3.21 10.46
CA TYR D 235 -34.14 -4.50 11.04
C TYR D 235 -35.21 -4.32 12.11
N PRO D 236 -36.10 -5.30 12.30
CA PRO D 236 -36.17 -6.58 11.57
C PRO D 236 -36.76 -6.44 10.17
N LEU D 237 -36.37 -7.32 9.26
CA LEU D 237 -36.91 -7.31 7.92
C LEU D 237 -38.38 -7.73 7.93
N THR D 238 -39.16 -7.14 7.03
CA THR D 238 -40.59 -7.40 6.94
C THR D 238 -40.94 -7.79 5.51
N PHE D 239 -41.98 -8.61 5.38
CA PHE D 239 -42.47 -9.09 4.10
C PHE D 239 -43.92 -8.69 3.92
N GLY D 240 -44.33 -8.53 2.66
CA GLY D 240 -45.70 -8.19 2.36
C GLY D 240 -46.65 -9.35 2.52
N ALA D 241 -47.94 -9.05 2.42
CA ALA D 241 -48.96 -10.08 2.55
C ALA D 241 -48.83 -11.12 1.44
N GLY D 242 -48.50 -10.69 0.23
CA GLY D 242 -48.34 -11.60 -0.89
C GLY D 242 -49.49 -11.55 -1.87
N THR D 243 -49.17 -11.37 -3.15
CA THR D 243 -50.16 -11.32 -4.22
C THR D 243 -49.96 -12.54 -5.12
N LYS D 244 -51.03 -13.28 -5.35
CA LYS D 244 -50.98 -14.52 -6.12
C LYS D 244 -51.53 -14.30 -7.51
N LEU D 245 -50.82 -14.82 -8.51
CA LEU D 245 -51.28 -14.81 -9.90
C LEU D 245 -51.74 -16.20 -10.28
N GLU D 246 -52.94 -16.29 -10.85
CA GLU D 246 -53.54 -17.56 -11.21
C GLU D 246 -54.26 -17.42 -12.55
N LEU D 247 -54.47 -18.56 -13.20
CA LEU D 247 -55.15 -18.59 -14.50
C LEU D 247 -56.21 -19.69 -14.52
N TYR E 177 23.10 32.18 40.07
CA TYR E 177 21.78 32.81 40.35
C TYR E 177 20.64 31.95 39.85
N ALA E 178 19.40 32.34 40.20
CA ALA E 178 18.24 31.56 39.78
C ALA E 178 18.06 31.59 38.28
N LEU E 179 18.59 32.62 37.61
CA LEU E 179 18.44 32.72 36.16
C LEU E 179 19.11 31.58 35.43
N SER E 180 20.09 30.91 36.06
CA SER E 180 20.68 29.72 35.46
C SER E 180 19.63 28.63 35.31
N TYR E 181 18.76 28.46 36.30
CA TYR E 181 17.69 27.49 36.19
C TYR E 181 16.72 27.86 35.07
N CYS E 182 16.42 29.15 34.92
CA CYS E 182 15.55 29.59 33.83
C CYS E 182 16.19 29.27 32.47
N ALA E 183 17.49 29.53 32.33
CA ALA E 183 18.17 29.21 31.08
C ALA E 183 18.14 27.71 30.82
N LEU E 184 18.35 26.90 31.86
CA LEU E 184 18.26 25.46 31.72
C LEU E 184 16.87 25.04 31.27
N ILE E 185 15.84 25.66 31.83
CA ILE E 185 14.46 25.35 31.44
C ILE E 185 14.26 25.67 29.97
N LEU E 186 14.75 26.84 29.54
CA LEU E 186 14.60 27.24 28.15
C LEU E 186 15.29 26.25 27.22
N ALA E 187 16.51 25.85 27.56
CA ALA E 187 17.22 24.88 26.72
C ALA E 187 16.50 23.55 26.68
N ILE E 188 16.01 23.08 27.84
CA ILE E 188 15.31 21.80 27.90
C ILE E 188 14.08 21.84 27.02
N VAL E 189 13.24 22.87 27.17
CA VAL E 189 12.01 22.94 26.40
C VAL E 189 12.32 23.06 24.92
N PHE E 190 13.31 23.89 24.56
CA PHE E 190 13.66 24.04 23.14
C PHE E 190 14.07 22.69 22.54
N GLY E 191 15.00 21.99 23.18
CA GLY E 191 15.47 20.74 22.63
C GLY E 191 14.38 19.69 22.54
N ASN E 192 13.60 19.53 23.62
CA ASN E 192 12.58 18.49 23.63
C ASN E 192 11.45 18.82 22.65
N GLY E 193 11.07 20.07 22.52
CA GLY E 193 10.09 20.43 21.51
C GLY E 193 10.60 20.20 20.10
N LEU E 194 11.88 20.52 19.86
CA LEU E 194 12.47 20.23 18.56
C LEU E 194 12.37 18.74 18.25
N VAL E 195 12.70 17.90 19.23
CA VAL E 195 12.59 16.45 19.03
C VAL E 195 11.14 16.06 18.76
N CYS E 196 10.20 16.66 19.51
CA CYS E 196 8.80 16.29 19.36
C CYS E 196 8.28 16.63 17.97
N MET E 197 8.54 17.85 17.48
CA MET E 197 8.10 18.19 16.14
C MET E 197 8.83 17.36 15.08
N ALA E 198 10.11 17.05 15.32
CA ALA E 198 10.83 16.20 14.36
C ALA E 198 10.16 14.85 14.23
N VAL E 199 9.78 14.24 15.36
CA VAL E 199 9.11 12.95 15.31
C VAL E 199 7.73 13.08 14.67
N LEU E 200 6.98 14.12 15.05
CA LEU E 200 5.60 14.25 14.59
C LEU E 200 5.53 14.49 13.09
N LYS E 201 6.43 15.32 12.55
CA LYS E 201 6.32 15.76 11.15
C LYS E 201 6.85 14.70 10.19
N GLU E 202 8.13 14.34 10.31
CA GLU E 202 8.74 13.42 9.36
C GLU E 202 8.04 12.06 9.40
N ARG E 203 7.72 11.55 8.21
CA ARG E 203 7.04 10.25 8.12
C ARG E 203 7.93 9.13 8.62
N ALA E 204 9.21 9.14 8.27
CA ALA E 204 10.10 8.03 8.58
C ALA E 204 10.36 7.88 10.07
N LEU E 205 10.16 8.94 10.86
CA LEU E 205 10.50 8.89 12.28
C LEU E 205 9.39 8.30 13.15
N GLN E 206 8.22 8.02 12.58
CA GLN E 206 7.14 7.37 13.33
C GLN E 206 7.40 5.87 13.34
N THR E 207 8.15 5.42 14.34
CA THR E 207 8.49 4.01 14.51
C THR E 207 8.48 3.67 15.98
N THR E 208 8.32 2.37 16.28
CA THR E 208 8.29 1.93 17.66
C THR E 208 9.59 2.26 18.38
N THR E 209 10.71 2.29 17.66
CA THR E 209 11.99 2.64 18.28
C THR E 209 11.97 4.08 18.78
N ASN E 210 11.39 4.99 18.01
CA ASN E 210 11.38 6.40 18.37
C ASN E 210 10.33 6.75 19.41
N TYR E 211 9.41 5.84 19.71
CA TYR E 211 8.41 6.12 20.74
C TYR E 211 9.03 6.24 22.12
N LEU E 212 10.07 5.45 22.40
CA LEU E 212 10.77 5.58 23.68
C LEU E 212 11.42 6.96 23.79
N VAL E 213 12.05 7.43 22.72
CA VAL E 213 12.65 8.76 22.73
C VAL E 213 11.58 9.82 22.88
N VAL E 214 10.42 9.62 22.26
CA VAL E 214 9.31 10.56 22.41
C VAL E 214 8.85 10.61 23.85
N SER E 215 8.75 9.45 24.50
CA SER E 215 8.36 9.41 25.91
C SER E 215 9.38 10.12 26.78
N LEU E 216 10.67 9.92 26.49
CA LEU E 216 11.72 10.60 27.25
C LEU E 216 11.61 12.12 27.07
N ALA E 217 11.35 12.56 25.83
CA ALA E 217 11.21 13.99 25.58
C ALA E 217 9.99 14.56 26.30
N VAL E 218 8.88 13.80 26.32
CA VAL E 218 7.69 14.24 27.03
C VAL E 218 7.98 14.35 28.52
N ALA E 219 8.72 13.38 29.06
CA ALA E 219 9.09 13.43 30.48
C ALA E 219 9.93 14.67 30.77
N ASP E 220 10.89 14.98 29.89
CA ASP E 220 11.72 16.17 30.09
C ASP E 220 10.88 17.44 30.02
N LEU E 221 9.94 17.50 29.07
CA LEU E 221 9.07 18.66 28.96
C LEU E 221 8.23 18.83 30.22
N LEU E 222 7.70 17.72 30.74
CA LEU E 222 6.91 17.80 31.97
C LEU E 222 7.78 18.21 33.15
N VAL E 223 9.04 17.77 33.17
CA VAL E 223 9.97 18.21 34.20
C VAL E 223 10.13 19.72 34.14
N ALA E 224 10.35 20.25 32.94
CA ALA E 224 10.53 21.69 32.78
C ALA E 224 9.28 22.45 33.17
N THR E 225 8.10 21.93 32.81
CA THR E 225 6.87 22.68 33.01
C THR E 225 6.39 22.63 34.47
N LEU E 226 6.45 21.45 35.09
CA LEU E 226 5.78 21.22 36.37
C LEU E 226 6.71 21.11 37.57
N VAL E 227 8.03 21.14 37.36
CA VAL E 227 8.97 20.96 38.45
C VAL E 227 9.88 22.18 38.58
N MET E 228 10.56 22.53 37.49
CA MET E 228 11.62 23.53 37.54
C MET E 228 11.17 24.89 38.05
N PRO E 229 10.02 25.44 37.64
CA PRO E 229 9.65 26.79 38.11
C PRO E 229 9.57 26.91 39.62
N TRP E 230 9.08 25.88 40.31
CA TRP E 230 9.05 25.90 41.77
C TRP E 230 10.45 25.82 42.36
N VAL E 231 11.35 25.11 41.68
CA VAL E 231 12.76 25.13 42.10
C VAL E 231 13.32 26.55 41.98
N VAL E 232 12.98 27.23 40.89
CA VAL E 232 13.42 28.62 40.72
C VAL E 232 12.87 29.49 41.84
N TYR E 233 11.59 29.30 42.16
CA TYR E 233 10.97 30.07 43.24
C TYR E 233 11.68 29.81 44.57
N LEU E 234 12.00 28.54 44.85
CA LEU E 234 12.71 28.20 46.07
C LEU E 234 14.08 28.87 46.11
N GLU E 235 14.80 28.86 44.98
CA GLU E 235 16.09 29.51 44.93
C GLU E 235 15.97 31.02 45.17
N VAL E 236 14.94 31.64 44.59
CA VAL E 236 14.75 33.08 44.75
C VAL E 236 14.51 33.43 46.22
N THR E 237 13.65 32.64 46.88
CA THR E 237 13.32 32.90 48.28
C THR E 237 14.32 32.29 49.26
N GLY E 238 15.35 31.61 48.76
CA GLY E 238 16.36 31.05 49.65
C GLY E 238 15.85 29.91 50.51
N GLY E 239 15.05 29.01 49.96
CA GLY E 239 14.60 27.84 50.66
C GLY E 239 13.41 28.04 51.57
N VAL E 240 12.83 29.23 51.63
CA VAL E 240 11.67 29.51 52.46
C VAL E 240 10.42 29.14 51.66
N TRP E 241 9.63 28.22 52.19
CA TRP E 241 8.41 27.75 51.56
C TRP E 241 7.20 28.31 52.30
N ASN E 242 6.34 29.02 51.58
CA ASN E 242 5.18 29.66 52.18
C ASN E 242 3.86 28.98 51.82
N PHE E 243 3.83 28.21 50.74
CA PHE E 243 2.60 27.55 50.34
C PHE E 243 2.26 26.41 51.31
N SER E 244 1.01 25.96 51.24
CA SER E 244 0.54 24.91 52.13
C SER E 244 1.32 23.63 51.90
N ARG E 245 1.33 22.77 52.92
CA ARG E 245 2.06 21.50 52.82
C ARG E 245 1.54 20.63 51.69
N ILE E 246 0.29 20.82 51.28
CA ILE E 246 -0.24 20.06 50.14
C ILE E 246 0.55 20.39 48.88
N CYS E 247 0.88 21.68 48.69
CA CYS E 247 1.68 22.07 47.54
C CYS E 247 3.07 21.45 47.60
N CYS E 248 3.68 21.41 48.79
CA CYS E 248 4.97 20.76 48.95
C CYS E 248 4.90 19.28 48.57
N ASP E 249 3.87 18.59 49.07
CA ASP E 249 3.72 17.17 48.73
C ASP E 249 3.53 16.98 47.23
N VAL E 250 2.72 17.83 46.61
CA VAL E 250 2.48 17.71 45.16
C VAL E 250 3.78 17.92 44.39
N PHE E 251 4.54 18.95 44.77
CA PHE E 251 5.80 19.24 44.08
C PHE E 251 6.78 18.09 44.24
N VAL E 252 6.92 17.56 45.46
CA VAL E 252 7.86 16.47 45.68
C VAL E 252 7.45 15.24 44.88
N THR E 253 6.15 14.92 44.91
CA THR E 253 5.65 13.76 44.17
C THR E 253 5.91 13.92 42.68
N LEU E 254 5.62 15.11 42.14
CA LEU E 254 5.81 15.34 40.71
C LEU E 254 7.28 15.21 40.33
N ASP E 255 8.17 15.82 41.12
CA ASP E 255 9.60 15.76 40.80
C ASP E 255 10.10 14.32 40.84
N VAL E 256 9.75 13.59 41.90
CA VAL E 256 10.22 12.21 42.03
C VAL E 256 9.69 11.36 40.88
N MET E 257 8.39 11.49 40.59
CA MET E 257 7.80 10.68 39.53
C MET E 257 8.45 10.99 38.18
N MET E 258 8.69 12.27 37.90
CA MET E 258 9.27 12.64 36.62
C MET E 258 10.70 12.12 36.48
N CYS E 259 11.51 12.27 37.53
CA CYS E 259 12.88 11.81 37.45
C CYS E 259 12.94 10.28 37.32
N THR E 260 12.09 9.58 38.09
CA THR E 260 12.05 8.13 37.98
C THR E 260 11.62 7.71 36.57
N ALA E 261 10.63 8.42 36.01
CA ALA E 261 10.18 8.10 34.66
C ALA E 261 11.29 8.31 33.64
N SER E 262 12.06 9.39 33.80
CA SER E 262 13.17 9.63 32.87
C SER E 262 14.22 8.53 32.96
N ILE E 263 14.61 8.15 34.19
CA ILE E 263 15.62 7.12 34.35
C ILE E 263 15.11 5.79 33.77
N LEU E 264 13.86 5.44 34.06
CA LEU E 264 13.30 4.20 33.55
C LEU E 264 13.14 4.24 32.04
N ASN E 265 12.92 5.44 31.47
CA ASN E 265 12.87 5.56 30.02
C ASN E 265 14.22 5.30 29.40
N LEU E 266 15.29 5.82 30.02
CA LEU E 266 16.64 5.49 29.56
C LEU E 266 16.89 3.99 29.63
N CYS E 267 16.49 3.37 30.74
CA CYS E 267 16.64 1.93 30.87
C CYS E 267 15.86 1.18 29.79
N ALA E 268 14.65 1.65 29.49
CA ALA E 268 13.83 1.03 28.46
C ALA E 268 14.47 1.17 27.08
N ILE E 269 15.08 2.32 26.80
CA ILE E 269 15.79 2.49 25.54
C ILE E 269 16.95 1.50 25.44
N SER E 270 17.69 1.36 26.55
CA SER E 270 18.79 0.38 26.56
C SER E 270 18.26 -1.03 26.31
N ILE E 271 17.14 -1.38 26.95
CA ILE E 271 16.57 -2.72 26.78
C ILE E 271 16.09 -2.91 25.34
N ASP E 272 15.55 -1.86 24.73
CA ASP E 272 15.11 -1.95 23.34
C ASP E 272 16.30 -2.19 22.42
N ARG E 273 17.41 -1.50 22.65
CA ARG E 273 18.62 -1.75 21.87
C ARG E 273 19.11 -3.18 22.07
N TYR E 274 19.06 -3.66 23.32
CA TYR E 274 19.47 -5.04 23.60
C TYR E 274 18.60 -6.03 22.84
N THR E 275 17.29 -5.81 22.84
CA THR E 275 16.39 -6.69 22.10
C THR E 275 16.66 -6.63 20.60
N ALA E 276 16.93 -5.44 20.07
CA ALA E 276 17.26 -5.32 18.65
C ALA E 276 18.51 -6.11 18.31
N VAL E 277 19.54 -6.03 19.14
CA VAL E 277 20.79 -6.75 18.92
C VAL E 277 20.60 -8.27 19.04
N VAL E 278 19.95 -8.71 20.11
CA VAL E 278 19.81 -10.15 20.36
C VAL E 278 18.79 -10.77 19.42
N MET E 279 17.69 -10.07 19.17
CA MET E 279 16.57 -10.59 18.36
C MET E 279 16.33 -9.60 17.23
N PRO E 280 17.16 -9.62 16.19
CA PRO E 280 17.05 -8.63 15.13
C PRO E 280 15.94 -8.93 14.13
N VAL E 281 15.62 -10.21 13.94
CA VAL E 281 14.62 -10.58 12.94
C VAL E 281 13.27 -9.96 13.28
N HIS E 282 12.86 -10.06 14.55
CA HIS E 282 11.59 -9.48 14.96
C HIS E 282 11.67 -7.97 15.07
N TYR E 283 12.84 -7.43 15.41
CA TYR E 283 13.01 -5.99 15.56
C TYR E 283 13.13 -5.26 14.22
N GLN E 284 13.32 -5.98 13.12
CA GLN E 284 13.55 -5.33 11.83
C GLN E 284 12.41 -4.37 11.50
N HIS E 285 12.78 -3.15 11.09
CA HIS E 285 11.84 -2.12 10.66
C HIS E 285 11.09 -1.51 11.84
N GLY E 286 11.26 -2.06 13.03
CA GLY E 286 10.62 -1.52 14.21
C GLY E 286 9.12 -1.35 14.06
N THR E 287 8.48 -2.28 13.34
CA THR E 287 7.07 -2.20 13.06
C THR E 287 6.45 -3.58 13.21
N GLY E 288 5.15 -3.60 13.47
CA GLY E 288 4.39 -4.82 13.64
C GLY E 288 3.88 -4.98 15.06
N GLN E 289 3.03 -5.99 15.22
CA GLN E 289 2.44 -6.25 16.53
C GLN E 289 3.52 -6.63 17.54
N SER E 290 4.49 -7.44 17.14
CA SER E 290 5.50 -7.90 18.08
C SER E 290 6.27 -6.74 18.70
N SER E 291 6.65 -5.76 17.88
CA SER E 291 7.40 -4.60 18.38
C SER E 291 6.50 -3.60 19.08
N CYS E 292 5.34 -3.29 18.50
CA CYS E 292 4.45 -2.30 19.09
C CYS E 292 3.98 -2.74 20.47
N ARG E 293 3.61 -4.01 20.60
CA ARG E 293 3.11 -4.50 21.88
C ARG E 293 4.16 -4.36 22.97
N ARG E 294 5.40 -4.77 22.67
CA ARG E 294 6.44 -4.72 23.69
C ARG E 294 6.84 -3.28 24.00
N VAL E 295 6.86 -2.40 22.99
CA VAL E 295 7.19 -1.00 23.27
C VAL E 295 6.12 -0.37 24.14
N ALA E 296 4.85 -0.62 23.83
CA ALA E 296 3.77 -0.09 24.66
C ALA E 296 3.83 -0.65 26.07
N LEU E 297 4.13 -1.94 26.20
CA LEU E 297 4.25 -2.54 27.52
C LEU E 297 5.38 -1.90 28.31
N MET E 298 6.52 -1.66 27.65
CA MET E 298 7.65 -1.03 28.34
C MET E 298 7.29 0.38 28.79
N ILE E 299 6.65 1.16 27.92
CA ILE E 299 6.29 2.53 28.29
C ILE E 299 5.30 2.52 29.46
N THR E 300 4.29 1.64 29.40
CA THR E 300 3.31 1.57 30.47
C THR E 300 3.97 1.14 31.78
N ALA E 301 4.88 0.17 31.71
CA ALA E 301 5.58 -0.27 32.92
C ALA E 301 6.41 0.86 33.51
N VAL E 302 7.10 1.62 32.66
CA VAL E 302 7.89 2.75 33.14
C VAL E 302 7.00 3.75 33.87
N TRP E 303 5.90 4.15 33.23
CA TRP E 303 5.05 5.17 33.81
C TRP E 303 4.41 4.67 35.10
N VAL E 304 3.94 3.42 35.11
CA VAL E 304 3.29 2.87 36.29
C VAL E 304 4.29 2.75 37.44
N LEU E 305 5.51 2.32 37.14
CA LEU E 305 6.53 2.18 38.17
C LEU E 305 6.87 3.55 38.76
N ALA E 306 7.02 4.56 37.92
CA ALA E 306 7.29 5.90 38.43
C ALA E 306 6.16 6.39 39.31
N PHE E 307 4.91 6.20 38.86
CA PHE E 307 3.77 6.65 39.64
C PHE E 307 3.72 5.94 40.99
N ALA E 308 3.94 4.63 40.99
CA ALA E 308 3.90 3.86 42.23
C ALA E 308 5.01 4.30 43.18
N VAL E 309 6.21 4.54 42.64
CA VAL E 309 7.32 4.98 43.47
C VAL E 309 7.02 6.34 44.08
N SER E 310 6.33 7.21 43.35
CA SER E 310 6.03 8.55 43.85
C SER E 310 4.80 8.61 44.73
N CYS E 311 3.92 7.60 44.68
CA CYS E 311 2.68 7.64 45.46
C CYS E 311 2.90 7.84 46.95
N PRO E 312 3.84 7.16 47.61
CA PRO E 312 3.94 7.30 49.08
C PRO E 312 4.13 8.74 49.54
N LEU E 313 4.77 9.58 48.73
CA LEU E 313 4.97 10.96 49.11
C LEU E 313 3.65 11.72 49.23
N LEU E 314 2.65 11.34 48.46
CA LEU E 314 1.35 12.00 48.53
C LEU E 314 0.58 11.59 49.79
N PHE E 315 0.82 10.38 50.29
CA PHE E 315 0.11 9.86 51.46
C PHE E 315 0.61 10.45 52.77
N GLY E 316 1.44 11.49 52.76
CA GLY E 316 1.96 12.05 53.99
C GLY E 316 3.12 11.30 54.58
N PHE E 317 3.68 10.32 53.86
CA PHE E 317 4.81 9.55 54.36
C PHE E 317 6.10 10.37 54.40
N ASN E 318 6.12 11.56 53.81
CA ASN E 318 7.30 12.42 53.81
C ASN E 318 7.38 13.23 55.11
N THR E 319 7.70 12.53 56.19
CA THR E 319 7.82 13.18 57.49
C THR E 319 8.90 14.26 57.44
N THR E 320 8.61 15.38 58.09
CA THR E 320 9.52 16.52 58.10
C THR E 320 9.45 17.21 59.45
N GLY E 321 10.31 18.21 59.63
CA GLY E 321 10.34 18.98 60.85
C GLY E 321 9.65 20.32 60.70
N ASP E 322 10.44 21.38 60.52
CA ASP E 322 9.88 22.71 60.32
C ASP E 322 9.01 22.69 59.07
N PRO E 323 7.74 23.09 59.16
CA PRO E 323 6.87 23.05 57.96
C PRO E 323 7.24 24.08 56.91
N THR E 324 8.13 25.01 57.21
CA THR E 324 8.52 26.06 56.26
C THR E 324 9.55 25.57 55.25
N VAL E 325 10.08 24.35 55.41
CA VAL E 325 11.08 23.80 54.52
C VAL E 325 10.47 22.61 53.78
N CYS E 326 10.62 22.61 52.46
CA CYS E 326 10.07 21.58 51.59
C CYS E 326 11.21 20.73 51.05
N SER E 327 11.32 19.49 51.53
CA SER E 327 12.38 18.59 51.11
C SER E 327 12.00 17.17 51.49
N ILE E 328 12.73 16.22 50.92
CA ILE E 328 12.54 14.79 51.18
C ILE E 328 13.67 14.34 52.11
N SER E 329 13.31 13.91 53.32
CA SER E 329 14.30 13.50 54.30
C SER E 329 13.92 12.27 55.11
N ASN E 330 12.84 11.58 54.76
CA ASN E 330 12.41 10.42 55.54
C ASN E 330 13.40 9.28 55.35
N PRO E 331 14.04 8.77 56.41
CA PRO E 331 14.99 7.65 56.22
C PRO E 331 14.35 6.42 55.61
N ASP E 332 13.11 6.10 55.98
CA ASP E 332 12.46 4.90 55.48
C ASP E 332 12.12 4.98 54.01
N PHE E 333 12.06 6.18 53.44
CA PHE E 333 11.72 6.37 52.03
C PHE E 333 12.93 6.58 51.15
N VAL E 334 13.97 7.27 51.65
CA VAL E 334 15.08 7.68 50.80
C VAL E 334 15.79 6.47 50.21
N ILE E 335 16.13 5.50 51.06
CA ILE E 335 16.93 4.37 50.60
C ILE E 335 16.18 3.61 49.52
N TYR E 336 14.93 3.25 49.79
CA TYR E 336 14.17 2.45 48.83
C TYR E 336 13.87 3.22 47.56
N SER E 337 13.49 4.50 47.68
CA SER E 337 13.21 5.28 46.48
C SER E 337 14.45 5.42 45.61
N SER E 338 15.60 5.74 46.21
CA SER E 338 16.82 5.86 45.44
C SER E 338 17.18 4.52 44.80
N VAL E 339 17.07 3.43 45.56
CA VAL E 339 17.35 2.11 44.99
C VAL E 339 16.52 1.90 43.74
N VAL E 340 15.19 1.91 43.88
CA VAL E 340 14.32 1.59 42.76
C VAL E 340 14.54 2.55 41.60
N SER E 341 14.74 3.83 41.90
CA SER E 341 14.79 4.83 40.83
C SER E 341 16.09 4.77 40.05
N PHE E 342 17.23 4.53 40.72
CA PHE E 342 18.51 4.61 40.04
C PHE E 342 19.26 3.28 40.04
N TYR E 343 19.46 2.69 41.22
CA TYR E 343 20.45 1.63 41.34
C TYR E 343 20.03 0.38 40.57
N LEU E 344 18.76 -0.03 40.68
CA LEU E 344 18.29 -1.15 39.87
C LEU E 344 18.34 -0.82 38.39
N PRO E 345 17.70 0.25 37.91
CA PRO E 345 17.84 0.60 36.48
C PRO E 345 19.25 0.91 36.07
N PHE E 346 20.06 1.53 36.95
CA PHE E 346 21.43 1.84 36.59
C PHE E 346 22.23 0.57 36.32
N GLY E 347 22.15 -0.39 37.24
CA GLY E 347 22.83 -1.66 37.02
C GLY E 347 22.29 -2.41 35.82
N VAL E 348 20.97 -2.38 35.63
CA VAL E 348 20.38 -3.05 34.49
C VAL E 348 20.95 -2.48 33.19
N THR E 349 20.99 -1.15 33.10
CA THR E 349 21.51 -0.50 31.90
C THR E 349 22.99 -0.80 31.71
N VAL E 350 23.75 -0.79 32.79
CA VAL E 350 25.19 -1.04 32.69
C VAL E 350 25.44 -2.44 32.16
N LEU E 351 24.78 -3.44 32.75
CA LEU E 351 24.97 -4.81 32.28
C LEU E 351 24.45 -4.99 30.86
N VAL E 352 23.34 -4.33 30.51
CA VAL E 352 22.80 -4.45 29.16
C VAL E 352 23.80 -3.91 28.15
N TYR E 353 24.35 -2.73 28.41
CA TYR E 353 25.30 -2.14 27.47
C TYR E 353 26.58 -2.96 27.39
N ALA E 354 27.05 -3.48 28.53
CA ALA E 354 28.24 -4.33 28.51
C ALA E 354 28.00 -5.59 27.68
N ARG E 355 26.82 -6.21 27.85
CA ARG E 355 26.50 -7.40 27.07
C ARG E 355 26.41 -7.08 25.59
N ILE E 356 25.81 -5.95 25.24
CA ILE E 356 25.72 -5.55 23.83
C ILE E 356 27.11 -5.37 23.25
N TYR E 357 28.00 -4.69 23.99
CA TYR E 357 29.36 -4.47 23.53
C TYR E 357 30.08 -5.80 23.32
N VAL E 358 29.95 -6.72 24.29
CA VAL E 358 30.62 -8.01 24.18
C VAL E 358 30.09 -8.79 22.99
N VAL E 359 28.77 -8.76 22.79
CA VAL E 359 28.17 -9.50 21.67
C VAL E 359 28.66 -8.93 20.34
N LEU E 360 28.71 -7.61 20.22
CA LEU E 360 29.15 -7.00 18.97
C LEU E 360 30.62 -7.35 18.69
N LYS E 361 31.47 -7.26 19.71
CA LYS E 361 32.88 -7.60 19.50
C LYS E 361 33.06 -9.08 19.20
N GLN E 362 32.27 -9.94 19.83
CA GLN E 362 32.32 -11.36 19.51
C GLN E 362 31.91 -11.62 18.07
N ARG E 363 30.88 -10.91 17.60
CA ARG E 363 30.45 -11.07 16.22
C ARG E 363 31.55 -10.62 15.26
N ARG E 364 32.23 -9.51 15.58
CA ARG E 364 33.39 -9.12 14.77
C ARG E 364 34.44 -10.22 14.76
N ARG E 365 34.79 -10.74 15.94
CA ARG E 365 35.85 -11.73 16.01
C ARG E 365 35.50 -12.98 15.21
N LYS E 366 34.25 -13.43 15.29
CA LYS E 366 33.82 -14.55 14.47
C LYS E 366 33.91 -14.20 12.98
N ARG E 367 33.47 -12.98 12.61
CA ARG E 367 33.58 -12.58 11.20
C ARG E 367 35.04 -12.44 10.77
N ILE E 368 35.88 -11.85 11.60
CA ILE E 368 37.29 -11.73 11.26
C ILE E 368 37.93 -13.12 11.30
N PRO E 466 35.84 -1.02 10.66
CA PRO E 466 35.66 0.31 10.07
C PRO E 466 35.26 1.36 11.10
N LEU E 467 34.93 2.56 10.62
CA LEU E 467 34.59 3.66 11.52
C LEU E 467 33.18 3.51 12.12
N ARG E 468 32.30 2.74 11.48
CA ARG E 468 30.91 2.70 11.91
C ARG E 468 30.74 1.96 13.23
N GLU E 469 31.34 0.78 13.37
CA GLU E 469 31.20 0.03 14.62
C GLU E 469 31.95 0.70 15.75
N LYS E 470 33.12 1.31 15.46
CA LYS E 470 33.77 2.13 16.48
C LYS E 470 32.89 3.31 16.87
N LYS E 471 32.14 3.88 15.93
CA LYS E 471 31.17 4.91 16.27
C LYS E 471 30.10 4.36 17.19
N ALA E 472 29.63 3.14 16.94
CA ALA E 472 28.64 2.52 17.82
C ALA E 472 29.20 2.34 19.23
N THR E 473 30.45 1.87 19.32
CA THR E 473 31.08 1.70 20.63
C THR E 473 31.24 3.04 21.34
N GLN E 474 31.65 4.07 20.60
CA GLN E 474 31.78 5.40 21.18
C GLN E 474 30.43 5.91 21.67
N MET E 475 29.37 5.65 20.91
CA MET E 475 28.03 6.05 21.35
C MET E 475 27.65 5.34 22.65
N VAL E 476 27.91 4.04 22.74
CA VAL E 476 27.58 3.30 23.95
C VAL E 476 28.35 3.87 25.13
N ALA E 477 29.65 4.11 24.94
CA ALA E 477 30.47 4.65 26.02
C ALA E 477 30.01 6.04 26.42
N ILE E 478 29.64 6.87 25.45
CA ILE E 478 29.18 8.22 25.75
C ILE E 478 27.89 8.16 26.56
N VAL E 479 26.96 7.31 26.15
CA VAL E 479 25.69 7.19 26.88
C VAL E 479 25.95 6.74 28.30
N LEU E 480 26.78 5.70 28.48
CA LEU E 480 27.06 5.18 29.80
C LEU E 480 27.72 6.24 30.69
N GLY E 481 28.73 6.93 30.15
CA GLY E 481 29.42 7.93 30.94
C GLY E 481 28.53 9.10 31.30
N ALA E 482 27.72 9.56 30.35
CA ALA E 482 26.79 10.65 30.64
C ALA E 482 25.83 10.25 31.74
N PHE E 483 25.23 9.06 31.62
CA PHE E 483 24.31 8.59 32.65
C PHE E 483 24.99 8.56 34.00
N ILE E 484 26.19 7.95 34.07
CA ILE E 484 26.90 7.84 35.34
C ILE E 484 27.13 9.22 35.93
N VAL E 485 27.88 10.07 35.22
CA VAL E 485 28.30 11.35 35.78
C VAL E 485 27.07 12.20 36.14
N CYS E 486 25.99 12.07 35.37
CA CYS E 486 24.83 12.93 35.61
C CYS E 486 24.01 12.47 36.81
N TRP E 487 23.86 11.16 37.01
CA TRP E 487 22.92 10.66 38.02
C TRP E 487 23.58 10.05 39.25
N LEU E 488 24.66 9.28 39.11
CA LEU E 488 25.23 8.60 40.27
C LEU E 488 25.64 9.55 41.38
N PRO E 489 26.35 10.65 41.11
CA PRO E 489 26.78 11.52 42.22
C PRO E 489 25.64 12.05 43.05
N PHE E 490 24.52 12.43 42.41
CA PHE E 490 23.41 12.98 43.18
C PHE E 490 22.83 11.94 44.13
N PHE E 491 22.61 10.71 43.65
CA PHE E 491 22.06 9.68 44.52
C PHE E 491 23.03 9.30 45.61
N LEU E 492 24.32 9.24 45.31
CA LEU E 492 25.31 8.98 46.35
C LEU E 492 25.26 10.06 47.43
N THR E 493 25.21 11.33 47.02
CA THR E 493 25.13 12.42 47.98
C THR E 493 23.86 12.34 48.80
N HIS E 494 22.76 12.03 48.15
CA HIS E 494 21.41 11.90 48.77
C HIS E 494 21.53 10.85 49.88
N VAL E 495 22.02 9.66 49.55
CA VAL E 495 22.10 8.55 50.48
C VAL E 495 23.02 8.89 51.65
N LEU E 496 24.19 9.48 51.35
CA LEU E 496 25.11 9.84 52.42
C LEU E 496 24.49 10.86 53.36
N ASN E 497 23.84 11.90 52.81
CA ASN E 497 23.24 12.92 53.65
C ASN E 497 22.14 12.33 54.53
N THR E 498 21.34 11.41 53.99
CA THR E 498 20.23 10.86 54.74
C THR E 498 20.68 9.86 55.81
N HIS E 499 21.65 9.01 55.51
CA HIS E 499 21.95 7.87 56.36
C HIS E 499 23.39 7.77 56.83
N CYS E 500 24.27 8.70 56.44
CA CYS E 500 25.66 8.62 56.89
C CYS E 500 25.75 8.82 58.39
N GLN E 501 26.61 8.03 59.03
CA GLN E 501 26.79 8.13 60.48
C GLN E 501 27.61 9.36 60.85
N THR E 502 28.59 9.72 60.03
CA THR E 502 29.41 10.90 60.27
C THR E 502 29.93 11.39 58.92
N CYS E 503 29.36 12.49 58.43
CA CYS E 503 29.75 13.05 57.14
C CYS E 503 29.76 14.56 57.24
N HIS E 504 30.55 15.19 56.36
CA HIS E 504 30.67 16.64 56.30
C HIS E 504 29.93 17.23 55.11
N VAL E 505 28.85 16.58 54.66
CA VAL E 505 28.10 17.09 53.51
C VAL E 505 27.57 18.49 53.83
N SER E 506 27.54 19.34 52.81
CA SER E 506 27.12 20.72 52.93
C SER E 506 26.04 21.01 51.89
N PRO E 507 25.19 21.99 52.14
CA PRO E 507 24.09 22.28 51.19
C PRO E 507 24.59 22.66 49.81
N GLU E 508 25.77 23.27 49.70
CA GLU E 508 26.27 23.67 48.39
C GLU E 508 26.52 22.45 47.50
N LEU E 509 27.12 21.40 48.06
CA LEU E 509 27.35 20.18 47.29
C LEU E 509 26.03 19.54 46.87
N TYR E 510 25.03 19.54 47.77
CA TYR E 510 23.72 19.01 47.42
C TYR E 510 23.09 19.79 46.27
N SER E 511 23.17 21.12 46.32
CA SER E 511 22.63 21.94 45.23
C SER E 511 23.36 21.68 43.92
N ALA E 512 24.69 21.58 43.96
CA ALA E 512 25.45 21.31 42.75
C ALA E 512 25.08 19.95 42.16
N THR E 513 24.94 18.93 43.02
CA THR E 513 24.55 17.61 42.54
C THR E 513 23.15 17.62 41.94
N THR E 514 22.21 18.34 42.56
CA THR E 514 20.87 18.44 42.02
C THR E 514 20.88 19.12 40.65
N TRP E 515 21.67 20.18 40.50
CA TRP E 515 21.78 20.85 39.21
C TRP E 515 22.40 19.92 38.16
N LEU E 516 23.41 19.15 38.56
CA LEU E 516 24.04 18.21 37.63
C LEU E 516 23.04 17.14 37.19
N GLY E 517 22.20 16.68 38.12
CA GLY E 517 21.15 15.74 37.73
C GLY E 517 20.12 16.37 36.81
N TYR E 518 19.76 17.63 37.08
CA TYR E 518 18.75 18.30 36.27
C TYR E 518 19.24 18.50 34.84
N VAL E 519 20.51 18.87 34.66
CA VAL E 519 21.02 19.10 33.31
C VAL E 519 21.01 17.82 32.48
N ASN E 520 20.77 16.67 33.11
CA ASN E 520 20.61 15.43 32.37
C ASN E 520 19.48 15.53 31.36
N SER E 521 18.35 16.12 31.78
CA SER E 521 17.23 16.29 30.87
C SER E 521 17.61 17.21 29.71
N ALA E 522 18.37 18.26 30.00
CA ALA E 522 18.80 19.18 28.95
C ALA E 522 19.71 18.50 27.94
N LEU E 523 20.63 17.65 28.39
CA LEU E 523 21.63 17.07 27.50
C LEU E 523 21.19 15.74 26.88
N ASN E 524 20.12 15.12 27.35
CA ASN E 524 19.65 13.87 26.75
C ASN E 524 19.24 14.02 25.29
N PRO E 525 18.44 15.01 24.91
CA PRO E 525 18.02 15.10 23.50
C PRO E 525 19.18 15.15 22.53
N VAL E 526 20.25 15.87 22.86
CA VAL E 526 21.40 15.93 21.96
C VAL E 526 21.97 14.53 21.74
N ILE E 527 22.22 13.82 22.83
CA ILE E 527 22.82 12.49 22.71
C ILE E 527 21.92 11.56 21.91
N TYR E 528 20.61 11.61 22.18
CA TYR E 528 19.71 10.60 21.63
C TYR E 528 19.14 10.95 20.26
N THR E 529 19.30 12.18 19.77
CA THR E 529 18.74 12.53 18.47
C THR E 529 19.73 13.22 17.54
N THR E 530 20.65 14.01 18.10
CA THR E 530 21.51 14.84 17.23
C THR E 530 22.47 14.00 16.42
N PHE E 531 22.82 12.80 16.89
CA PHE E 531 23.78 11.95 16.22
C PHE E 531 23.13 10.96 15.26
N ASN E 532 21.80 11.01 15.10
CA ASN E 532 21.09 10.15 14.17
C ASN E 532 20.86 10.92 12.87
N ILE E 533 21.10 10.25 11.75
CA ILE E 533 21.03 10.94 10.46
C ILE E 533 19.62 11.46 10.19
N GLU E 534 18.61 10.63 10.43
CA GLU E 534 17.23 11.04 10.17
C GLU E 534 16.83 12.21 11.05
N PHE E 535 17.16 12.13 12.34
CA PHE E 535 16.84 13.22 13.26
C PHE E 535 17.60 14.49 12.89
N ARG E 536 18.86 14.35 12.49
CA ARG E 536 19.63 15.52 12.07
C ARG E 536 19.01 16.18 10.84
N LYS E 537 18.59 15.37 9.87
CA LYS E 537 17.93 15.92 8.69
C LYS E 537 16.63 16.62 9.07
N ALA E 538 15.85 16.02 9.96
CA ALA E 538 14.61 16.66 10.40
C ALA E 538 14.90 18.00 11.07
N PHE E 539 15.89 18.04 11.95
CA PHE E 539 16.23 19.28 12.64
C PHE E 539 16.69 20.35 11.65
N LEU E 540 17.54 19.96 10.69
CA LEU E 540 18.02 20.93 9.72
C LEU E 540 16.87 21.48 8.87
N LYS E 541 15.97 20.60 8.43
CA LYS E 541 14.84 21.06 7.62
C LYS E 541 13.93 21.99 8.42
N ILE E 542 13.65 21.64 9.68
CA ILE E 542 12.79 22.48 10.51
C ILE E 542 13.45 23.84 10.74
N LEU E 543 14.74 23.84 11.07
CA LEU E 543 15.43 25.09 11.35
C LEU E 543 15.73 25.90 10.09
N SER E 544 15.78 25.25 8.92
CA SER E 544 16.08 25.97 7.69
C SER E 544 15.00 26.96 7.30
N CYS E 545 13.79 26.82 7.83
CA CYS E 545 12.71 27.75 7.52
C CYS E 545 13.01 29.14 8.07
C1 G6O F . 14.26 12.57 44.17
C2 G6O F . 14.19 11.83 43.04
C3 G6O F . 14.26 11.72 45.52
C4 G6O F . 14.12 10.24 43.34
C5 G6O F . 14.20 10.44 45.51
C6 G6O F . 14.13 9.76 44.53
C7 G6O F . 14.33 14.10 44.08
C8 G6O F . 14.23 13.70 41.61
C9 G6O F . 15.10 14.38 42.70
C10 G6O F . 15.51 15.78 45.14
C11 G6O F . 15.57 16.55 43.81
C12 G6O F . 16.64 15.95 41.79
C13 G6O F . 16.85 14.89 40.68
O1 G6O F . 14.18 12.37 41.94
C14 G6O F . 18.15 15.20 39.92
O3 G6O F . 14.21 9.79 46.76
O2 G6O F . 15.00 14.64 45.06
N G6O F . 15.40 15.75 42.52
#